data_9GYE
#
_entry.id   9GYE
#
loop_
_entity.id
_entity.type
_entity.pdbx_description
1 polymer 'phospholipase C'
2 non-polymer 'CALCIUM ION'
#
_entity_poly.entity_id   1
_entity_poly.type   'polypeptide(L)'
_entity_poly.pdbx_seq_one_letter_code
;MGSSHHHHHHSQDPMTENWKFRRRTFLKHGAQAATLAGLSGLFPETLRRALAIEPDIRTGTIQDVQHVVILMQENRSFDH
YFGHLNGVRGFNDPRALKRQDGKPVWYQNYKYEFSPYHWDTKVTSAQWVSSQNHEWSAFHAIWNQGRNDKWMAVQYPEAM
GYFKRGDIPYYYALADAFTLCEAYHQSMMGP(TPO)NPNRLYHMSGRAAPSGDGKDVHIGNDMGDGTIGASGTVDWTTYP
ERLSAAGVDWRVYQEGGYRSSSLWYLYVDAYWKYRLQEQNNYDCNALAWFRNFKNAPRDSDLWQRAMLARGVDQLRKDVQ
ENTLPQVSWIVAPYCYCEHPWWGPSFGEYYVTRVLDALTSNPEVWARTVFILNYDEGDGFYDHASAPVPPWKDGVGLSTV
STAGEIEASSGLPIGLGHRVPLIAISPWSKGGKVSAEVFDHTSVLRFLERRFGVVEENISPWRRAVCGDLTSLFDFQDAG
DTQVAPDLTNVPQSDARKEDAYWQQFYRPSPKYWSYEPKSLPGQEKGQRPTLAVPYQLHATLALDIAAGKLRLTLGNDGM
SLPGNPQGHSAAVFQVQPREVGNPRFYTVTSYPVVQESGEELGRTLNDELDDLLDANGRYAFEVHGPNGFFREFHGNLHL
AAQMARPEVSVTYQRNGNLQLNIRNLGRLPCSVTVTPNPAYTQEGSRRYELEPNQAISEVWLLRSSQGWYDLSVTASNTE
ANYLRRLAGHVETGKPSRSDPLLDIAAT
;
_entity_poly.pdbx_strand_id   A
#
loop_
_chem_comp.id
_chem_comp.type
_chem_comp.name
_chem_comp.formula
CA non-polymer 'CALCIUM ION' 'Ca 2'
#
# COMPACT_ATOMS: atom_id res chain seq x y z
N THR A 59 -5.07 16.74 -26.91
CA THR A 59 -5.63 16.50 -25.58
C THR A 59 -5.75 15.01 -25.31
N GLY A 60 -6.44 14.67 -24.22
CA GLY A 60 -6.73 13.28 -23.92
C GLY A 60 -5.55 12.48 -23.42
N THR A 61 -4.50 13.15 -22.91
CA THR A 61 -3.35 12.43 -22.38
C THR A 61 -3.05 12.88 -20.97
N ILE A 62 -1.90 12.46 -20.44
CA ILE A 62 -1.45 12.94 -19.14
C ILE A 62 -1.16 14.44 -19.19
N GLN A 63 -0.65 14.92 -20.33
CA GLN A 63 -0.24 16.32 -20.43
C GLN A 63 -1.38 17.30 -20.25
N ASP A 64 -2.64 16.84 -20.36
CA ASP A 64 -3.77 17.73 -20.15
C ASP A 64 -3.82 18.27 -18.72
N VAL A 65 -3.22 17.57 -17.76
CA VAL A 65 -3.21 18.05 -16.39
C VAL A 65 -2.33 19.28 -16.28
N GLN A 66 -2.82 20.31 -15.60
CA GLN A 66 -2.10 21.56 -15.49
C GLN A 66 -1.72 21.96 -14.07
N HIS A 67 -2.56 21.65 -13.08
CA HIS A 67 -2.25 21.98 -11.69
C HIS A 67 -2.29 20.71 -10.86
N VAL A 68 -1.28 20.53 -10.02
CA VAL A 68 -1.15 19.35 -9.18
C VAL A 68 -0.96 19.81 -7.74
N VAL A 69 -1.76 19.24 -6.84
CA VAL A 69 -1.72 19.58 -5.43
C VAL A 69 -1.46 18.31 -4.64
N ILE A 70 -0.49 18.36 -3.73
CA ILE A 70 -0.10 17.23 -2.89
C ILE A 70 -0.38 17.62 -1.44
N LEU A 71 -1.19 16.83 -0.76
CA LEU A 71 -1.49 17.04 0.66
C LEU A 71 -1.14 15.76 1.40
N MET A 72 -0.42 15.91 2.51
CA MET A 72 0.24 14.78 3.15
C MET A 72 0.06 14.89 4.65
N GLN A 73 -0.76 14.02 5.21
CA GLN A 73 -1.09 14.00 6.63
C GLN A 73 -0.18 13.01 7.36
N GLU A 74 -0.49 12.73 8.62
CA GLU A 74 0.44 12.01 9.47
C GLU A 74 -0.26 10.99 10.36
N ASN A 75 0.34 9.79 10.44
CA ASN A 75 -0.01 8.77 11.43
C ASN A 75 -1.45 8.28 11.31
N ARG A 76 -1.79 7.73 10.15
CA ARG A 76 -3.07 7.05 9.97
C ARG A 76 -2.87 5.87 9.04
N SER A 77 -3.06 4.66 9.55
CA SER A 77 -2.91 3.46 8.76
C SER A 77 -4.19 3.20 7.95
N PHE A 78 -4.14 2.18 7.08
CA PHE A 78 -5.26 1.93 6.18
C PHE A 78 -6.42 1.26 6.91
N ASP A 79 -6.19 0.09 7.49
CA ASP A 79 -7.25 -0.64 8.17
C ASP A 79 -7.82 0.12 9.36
N HIS A 80 -7.10 1.13 9.85
CA HIS A 80 -7.65 1.98 10.90
C HIS A 80 -8.82 2.82 10.38
N TYR A 81 -8.73 3.26 9.13
CA TYR A 81 -9.78 4.09 8.52
C TYR A 81 -10.78 3.27 7.71
N PHE A 82 -10.30 2.58 6.68
CA PHE A 82 -11.17 1.92 5.72
C PHE A 82 -11.19 0.41 5.88
N GLY A 83 -11.00 -0.07 7.10
CA GLY A 83 -11.05 -1.51 7.34
C GLY A 83 -12.43 -2.10 7.14
N HIS A 84 -13.46 -1.27 7.15
CA HIS A 84 -14.84 -1.74 7.02
C HIS A 84 -15.46 -1.44 5.67
N LEU A 85 -14.86 -0.56 4.87
CA LEU A 85 -15.50 -0.09 3.65
C LEU A 85 -15.71 -1.24 2.68
N ASN A 86 -16.83 -1.19 1.96
CA ASN A 86 -17.16 -2.24 1.01
C ASN A 86 -16.20 -2.21 -0.17
N GLY A 87 -15.80 -3.39 -0.63
CA GLY A 87 -15.01 -3.52 -1.84
C GLY A 87 -13.51 -3.45 -1.66
N VAL A 88 -13.02 -3.08 -0.48
CA VAL A 88 -11.59 -2.98 -0.25
C VAL A 88 -11.10 -4.24 0.45
N ARG A 89 -9.81 -4.52 0.28
CA ARG A 89 -9.20 -5.67 0.95
C ARG A 89 -9.12 -5.37 2.43
N GLY A 90 -10.27 -5.37 3.10
CA GLY A 90 -10.34 -4.87 4.45
C GLY A 90 -10.22 -5.95 5.50
N PHE A 91 -11.05 -5.87 6.53
CA PHE A 91 -10.95 -6.79 7.67
C PHE A 91 -11.34 -8.21 7.30
N ASN A 92 -11.74 -8.47 6.07
CA ASN A 92 -12.15 -9.79 5.62
C ASN A 92 -11.42 -10.19 4.35
N ASP A 93 -10.10 -10.04 4.33
CA ASP A 93 -9.33 -10.48 3.18
C ASP A 93 -9.22 -12.00 3.19
N PRO A 94 -9.73 -12.70 2.17
CA PRO A 94 -9.65 -14.16 2.17
C PRO A 94 -8.24 -14.70 2.03
N ARG A 95 -7.29 -13.88 1.61
CA ARG A 95 -5.88 -14.26 1.52
C ARG A 95 -5.08 -13.73 2.70
N ALA A 96 -5.69 -13.70 3.88
CA ALA A 96 -5.00 -13.22 5.07
C ALA A 96 -3.83 -14.12 5.43
N LEU A 97 -2.78 -13.53 5.98
CA LEU A 97 -1.63 -14.30 6.40
C LEU A 97 -1.99 -15.20 7.58
N LYS A 98 -1.37 -16.37 7.60
CA LYS A 98 -1.63 -17.37 8.62
C LYS A 98 -0.41 -17.54 9.50
N ARG A 99 -0.63 -17.56 10.81
CA ARG A 99 0.46 -17.77 11.76
C ARG A 99 0.90 -19.23 11.76
N GLN A 100 1.84 -19.55 12.65
CA GLN A 100 2.29 -20.93 12.77
C GLN A 100 1.20 -21.81 13.37
N ASP A 101 0.43 -21.28 14.33
CA ASP A 101 -0.54 -22.07 15.05
C ASP A 101 -1.77 -22.41 14.21
N GLY A 102 -1.94 -21.79 13.05
CA GLY A 102 -3.06 -22.08 12.18
C GLY A 102 -4.20 -21.08 12.24
N LYS A 103 -4.19 -20.17 13.20
CA LYS A 103 -5.19 -19.13 13.22
C LYS A 103 -4.77 -17.97 12.30
N PRO A 104 -5.71 -17.25 11.72
CA PRO A 104 -5.37 -16.08 10.91
C PRO A 104 -4.77 -14.98 11.76
N VAL A 105 -3.98 -14.11 11.09
CA VAL A 105 -3.18 -13.10 11.77
C VAL A 105 -4.02 -12.09 12.53
N TRP A 106 -5.34 -12.07 12.33
CA TRP A 106 -6.18 -11.13 13.05
C TRP A 106 -6.20 -11.40 14.55
N TYR A 107 -5.71 -12.56 14.98
CA TYR A 107 -5.48 -12.86 16.38
C TYR A 107 -3.99 -12.71 16.67
N GLN A 108 -3.64 -11.92 17.68
CA GLN A 108 -2.26 -11.67 18.04
C GLN A 108 -2.01 -12.10 19.48
N ASN A 109 -0.87 -12.76 19.71
CA ASN A 109 -0.60 -13.39 21.00
C ASN A 109 0.43 -12.58 21.76
N TYR A 110 0.02 -12.00 22.88
CA TYR A 110 0.96 -11.44 23.86
C TYR A 110 0.50 -11.95 25.23
N LYS A 111 0.85 -13.21 25.53
CA LYS A 111 0.35 -13.99 26.67
C LYS A 111 -1.18 -13.98 26.74
N TYR A 112 -1.84 -13.51 25.69
CA TYR A 112 -3.30 -13.47 25.64
C TYR A 112 -3.69 -13.08 24.21
N GLU A 113 -4.96 -13.29 23.86
CA GLU A 113 -5.41 -13.17 22.49
C GLU A 113 -6.02 -11.79 22.26
N PHE A 114 -5.40 -11.02 21.36
CA PHE A 114 -5.85 -9.69 21.01
C PHE A 114 -6.40 -9.70 19.59
N SER A 115 -7.44 -8.89 19.38
CA SER A 115 -8.13 -8.82 18.10
C SER A 115 -8.54 -7.37 17.85
N PRO A 116 -8.77 -7.01 16.59
CA PRO A 116 -9.21 -5.64 16.29
C PRO A 116 -10.59 -5.35 16.88
N TYR A 117 -10.83 -4.07 17.16
CA TYR A 117 -12.10 -3.65 17.75
C TYR A 117 -12.50 -2.28 17.21
N HIS A 118 -13.80 -2.02 17.25
CA HIS A 118 -14.38 -0.83 16.63
C HIS A 118 -14.45 0.31 17.63
N TRP A 119 -13.74 1.39 17.35
CA TRP A 119 -13.80 2.60 18.16
C TRP A 119 -15.10 3.34 17.85
N ASP A 120 -15.91 3.59 18.87
CA ASP A 120 -17.23 4.18 18.70
C ASP A 120 -17.18 5.58 19.29
N THR A 121 -17.00 6.58 18.42
CA THR A 121 -16.90 7.96 18.89
C THR A 121 -18.20 8.46 19.49
N LYS A 122 -19.33 7.85 19.15
CA LYS A 122 -20.61 8.30 19.70
C LYS A 122 -20.71 8.11 21.20
N VAL A 123 -19.83 7.31 21.80
CA VAL A 123 -19.83 7.13 23.25
C VAL A 123 -18.48 7.38 23.90
N THR A 124 -17.37 7.33 23.16
CA THR A 124 -16.06 7.49 23.77
C THR A 124 -15.28 8.62 23.12
N SER A 125 -13.99 8.73 23.45
CA SER A 125 -13.17 9.84 22.99
C SER A 125 -12.12 9.36 22.01
N ALA A 126 -12.53 8.54 21.04
CA ALA A 126 -11.59 7.93 20.12
C ALA A 126 -10.86 8.94 19.24
N GLN A 127 -11.35 10.18 19.16
CA GLN A 127 -10.65 11.21 18.41
C GLN A 127 -9.55 11.88 19.20
N TRP A 128 -9.34 11.50 20.46
CA TRP A 128 -8.29 12.06 21.30
C TRP A 128 -7.57 10.90 21.97
N VAL A 129 -6.57 10.34 21.30
CA VAL A 129 -5.77 9.25 21.84
C VAL A 129 -4.31 9.55 21.58
N SER A 130 -3.47 9.40 22.60
CA SER A 130 -2.05 9.66 22.44
C SER A 130 -1.44 8.70 21.43
N SER A 131 -0.48 9.21 20.66
CA SER A 131 0.19 8.37 19.68
C SER A 131 1.04 7.31 20.36
N GLN A 132 1.25 6.21 19.66
CA GLN A 132 2.02 5.10 20.18
C GLN A 132 3.49 5.27 19.80
N ASN A 133 4.28 4.22 19.98
CA ASN A 133 5.69 4.22 19.64
C ASN A 133 5.84 3.51 18.29
N HIS A 134 6.46 4.18 17.33
CA HIS A 134 6.68 3.63 16.00
C HIS A 134 8.12 3.87 15.55
N GLU A 135 9.07 3.49 16.40
CA GLU A 135 10.48 3.57 16.06
C GLU A 135 10.84 2.52 15.01
N TRP A 136 12.07 2.64 14.49
CA TRP A 136 12.55 1.74 13.45
C TRP A 136 12.68 0.31 13.98
N SER A 137 13.24 0.15 15.18
CA SER A 137 13.36 -1.17 15.78
C SER A 137 11.98 -1.77 16.03
N ALA A 138 11.04 -0.95 16.50
CA ALA A 138 9.69 -1.43 16.73
C ALA A 138 9.05 -1.89 15.42
N PHE A 139 9.17 -1.09 14.36
CA PHE A 139 8.57 -1.45 13.09
C PHE A 139 9.16 -2.75 12.55
N HIS A 140 10.48 -2.90 12.64
CA HIS A 140 11.09 -4.11 12.11
C HIS A 140 10.78 -5.34 12.95
N ALA A 141 10.65 -5.18 14.28
CA ALA A 141 10.22 -6.29 15.10
C ALA A 141 8.77 -6.67 14.80
N ILE A 142 7.96 -5.68 14.44
CA ILE A 142 6.61 -5.96 13.96
C ILE A 142 6.68 -6.79 12.68
N TRP A 143 7.58 -6.40 11.77
CA TRP A 143 7.71 -7.11 10.50
C TRP A 143 8.13 -8.56 10.70
N ASN A 144 9.14 -8.78 11.54
CA ASN A 144 9.61 -10.14 11.88
C ASN A 144 9.99 -10.94 10.64
N GLN A 145 10.67 -10.28 9.69
CA GLN A 145 11.16 -10.93 8.48
C GLN A 145 10.04 -11.62 7.71
N GLY A 146 8.87 -10.99 7.62
CA GLY A 146 7.79 -11.47 6.79
C GLY A 146 6.69 -12.19 7.51
N ARG A 147 6.88 -12.56 8.78
CA ARG A 147 5.82 -13.25 9.51
C ARG A 147 4.70 -12.30 9.91
N ASN A 148 5.05 -11.09 10.36
CA ASN A 148 4.08 -10.04 10.65
C ASN A 148 3.12 -10.44 11.76
N ASP A 149 3.62 -11.18 12.76
CA ASP A 149 2.75 -11.76 13.77
C ASP A 149 3.02 -11.25 15.17
N LYS A 150 4.03 -10.40 15.36
CA LYS A 150 4.35 -9.85 16.68
C LYS A 150 3.76 -8.45 16.85
N TRP A 151 2.57 -8.23 16.29
CA TRP A 151 2.00 -6.89 16.27
C TRP A 151 1.79 -6.34 17.67
N MET A 152 1.34 -7.18 18.60
CA MET A 152 1.13 -6.74 19.96
C MET A 152 2.34 -6.94 20.86
N ALA A 153 3.45 -7.45 20.33
CA ALA A 153 4.64 -7.65 21.15
C ALA A 153 5.22 -6.32 21.62
N VAL A 154 5.27 -5.32 20.75
CA VAL A 154 5.94 -4.06 21.04
C VAL A 154 4.95 -2.92 21.26
N GLN A 155 3.84 -2.92 20.55
CA GLN A 155 2.87 -1.85 20.64
C GLN A 155 2.02 -2.02 21.89
N TYR A 156 0.90 -1.30 21.95
CA TYR A 156 -0.07 -1.37 23.01
C TYR A 156 -1.44 -1.72 22.44
N PRO A 157 -2.36 -2.23 23.26
CA PRO A 157 -3.62 -2.75 22.70
C PRO A 157 -4.42 -1.74 21.90
N GLU A 158 -4.42 -0.46 22.31
CA GLU A 158 -5.28 0.51 21.65
C GLU A 158 -4.90 0.70 20.19
N ALA A 159 -3.72 0.25 19.78
CA ALA A 159 -3.31 0.36 18.39
C ALA A 159 -4.14 -0.54 17.47
N MET A 160 -4.95 -1.44 18.01
CA MET A 160 -5.73 -2.35 17.19
C MET A 160 -7.12 -1.81 16.85
N GLY A 161 -7.46 -0.61 17.32
CA GLY A 161 -8.77 -0.08 17.02
C GLY A 161 -8.93 0.37 15.59
N TYR A 162 -10.17 0.39 15.13
CA TYR A 162 -10.50 0.84 13.79
C TYR A 162 -11.78 1.66 13.82
N PHE A 163 -11.90 2.58 12.88
CA PHE A 163 -13.05 3.48 12.78
C PHE A 163 -14.07 2.95 11.79
N LYS A 164 -15.28 3.50 11.86
CA LYS A 164 -16.37 3.15 10.97
C LYS A 164 -16.93 4.41 10.31
N ARG A 165 -17.93 4.22 9.46
CA ARG A 165 -18.54 5.36 8.77
C ARG A 165 -19.24 6.31 9.72
N GLY A 166 -19.67 5.83 10.89
CA GLY A 166 -20.33 6.70 11.84
C GLY A 166 -19.43 7.75 12.46
N ASP A 167 -18.11 7.57 12.38
CA ASP A 167 -17.18 8.52 12.96
C ASP A 167 -16.61 9.51 11.97
N ILE A 168 -16.42 9.11 10.71
CA ILE A 168 -15.87 10.02 9.71
C ILE A 168 -16.74 10.00 8.46
N PRO A 169 -17.92 10.63 8.49
CA PRO A 169 -18.77 10.64 7.28
C PRO A 169 -18.11 11.33 6.09
N TYR A 170 -17.30 12.36 6.30
CA TYR A 170 -16.68 13.06 5.18
C TYR A 170 -15.68 12.17 4.45
N TYR A 171 -14.81 11.48 5.20
CA TYR A 171 -13.83 10.63 4.56
C TYR A 171 -14.48 9.47 3.83
N TYR A 172 -15.54 8.90 4.43
CA TYR A 172 -16.22 7.79 3.75
C TYR A 172 -16.98 8.28 2.53
N ALA A 173 -17.55 9.48 2.59
CA ALA A 173 -18.16 10.06 1.40
C ALA A 173 -17.14 10.27 0.29
N LEU A 174 -15.96 10.78 0.66
CA LEU A 174 -14.87 10.94 -0.31
C LEU A 174 -14.47 9.61 -0.91
N ALA A 175 -14.33 8.59 -0.07
CA ALA A 175 -13.95 7.27 -0.57
C ALA A 175 -15.02 6.69 -1.48
N ASP A 176 -16.29 6.87 -1.13
CA ASP A 176 -17.37 6.36 -1.96
C ASP A 176 -17.47 7.13 -3.28
N ALA A 177 -17.06 8.40 -3.29
CA ALA A 177 -17.18 9.21 -4.49
C ALA A 177 -15.91 9.30 -5.30
N PHE A 178 -14.75 9.08 -4.70
CA PHE A 178 -13.48 9.30 -5.38
C PHE A 178 -12.56 8.10 -5.21
N THR A 179 -11.52 8.05 -6.04
CA THR A 179 -10.68 6.87 -6.15
C THR A 179 -9.80 6.68 -4.91
N LEU A 180 -9.76 5.44 -4.42
CA LEU A 180 -9.02 5.07 -3.23
C LEU A 180 -8.07 3.93 -3.57
N CYS A 181 -6.86 3.99 -3.03
CA CYS A 181 -5.86 2.95 -3.24
C CYS A 181 -5.71 2.14 -1.95
N GLU A 182 -5.93 0.83 -2.04
CA GLU A 182 -5.79 -0.05 -0.89
C GLU A 182 -4.42 -0.73 -0.82
N ALA A 183 -3.57 -0.53 -1.82
CA ALA A 183 -2.23 -1.10 -1.83
C ALA A 183 -1.18 0.01 -1.90
N TYR A 184 -1.31 1.01 -1.04
CA TYR A 184 -0.35 2.10 -0.94
C TYR A 184 0.48 1.91 0.31
N HIS A 185 1.80 1.83 0.15
CA HIS A 185 2.71 1.47 1.23
C HIS A 185 3.69 2.59 1.51
N GLN A 186 4.08 2.71 2.79
CA GLN A 186 5.07 3.70 3.19
C GLN A 186 6.48 3.21 2.86
N SER A 187 7.31 4.12 2.36
CA SER A 187 8.60 3.70 1.80
C SER A 187 9.56 3.22 2.88
N MET A 188 9.65 3.91 4.01
CA MET A 188 10.54 3.50 5.09
C MET A 188 9.73 3.09 6.32
N MET A 189 10.01 1.91 6.83
CA MET A 189 9.39 1.44 8.07
C MET A 189 10.09 2.14 9.23
N GLY A 190 9.76 3.42 9.39
CA GLY A 190 10.35 4.23 10.42
C GLY A 190 9.62 5.55 10.59
N PRO A 191 10.24 6.49 11.32
CA PRO A 191 9.68 7.80 11.66
C PRO A 191 9.25 8.65 10.47
N TPO A 192 8.80 9.86 10.77
CA TPO A 192 8.19 10.74 9.79
CB TPO A 192 7.44 11.90 10.47
CG2 TPO A 192 6.71 12.76 9.46
OG1 TPO A 192 6.54 11.35 11.41
P TPO A 192 6.89 11.49 13.09
O1P TPO A 192 7.17 12.98 13.19
O2P TPO A 192 5.62 11.02 13.78
O3P TPO A 192 8.09 10.59 13.32
C TPO A 192 9.17 11.33 8.79
O TPO A 192 9.01 11.19 7.59
N ASN A 193 10.18 12.02 9.31
CA ASN A 193 11.12 12.76 8.48
C ASN A 193 11.78 11.94 7.35
N PRO A 194 12.28 10.74 7.65
CA PRO A 194 12.82 9.92 6.55
C PRO A 194 11.79 9.59 5.49
N ASN A 195 10.54 9.36 5.88
CA ASN A 195 9.49 9.16 4.87
C ASN A 195 9.25 10.44 4.08
N ARG A 196 9.21 11.58 4.77
CA ARG A 196 9.08 12.85 4.05
C ARG A 196 10.34 13.19 3.28
N LEU A 197 11.51 12.74 3.76
CA LEU A 197 12.73 12.89 2.97
C LEU A 197 12.64 12.11 1.68
N TYR A 198 12.09 10.89 1.73
CA TYR A 198 11.83 10.14 0.51
C TYR A 198 10.83 10.85 -0.38
N HIS A 199 9.80 11.44 0.23
CA HIS A 199 8.77 12.10 -0.55
C HIS A 199 9.27 13.35 -1.25
N MET A 200 10.20 14.07 -0.64
CA MET A 200 10.68 15.32 -1.20
C MET A 200 11.99 15.18 -1.97
N SER A 201 12.75 14.11 -1.75
CA SER A 201 14.00 13.96 -2.47
C SER A 201 14.02 12.69 -3.30
N GLY A 202 13.45 11.60 -2.77
CA GLY A 202 13.50 10.31 -3.41
C GLY A 202 14.55 9.38 -2.86
N ARG A 203 15.26 9.79 -1.83
CA ARG A 203 16.30 8.98 -1.20
C ARG A 203 16.70 9.65 0.11
N ALA A 204 16.89 8.84 1.15
CA ALA A 204 17.19 9.35 2.48
C ALA A 204 18.67 9.22 2.83
N ALA A 205 19.55 9.24 1.84
CA ALA A 205 20.97 9.09 2.08
C ALA A 205 21.75 10.10 1.24
N PRO A 206 22.90 10.55 1.72
CA PRO A 206 23.76 11.41 0.89
C PRO A 206 24.18 10.75 -0.40
N SER A 207 24.39 9.44 -0.41
CA SER A 207 24.81 8.73 -1.60
C SER A 207 24.01 7.44 -1.73
N GLY A 208 23.81 7.01 -2.96
CA GLY A 208 22.98 5.85 -3.24
C GLY A 208 23.71 4.53 -3.18
N ASP A 209 24.55 4.35 -2.16
CA ASP A 209 25.26 3.10 -1.95
C ASP A 209 24.72 2.32 -0.76
N GLY A 210 23.62 2.77 -0.16
CA GLY A 210 23.04 2.08 0.97
C GLY A 210 23.68 2.41 2.30
N LYS A 211 24.81 3.09 2.31
CA LYS A 211 25.45 3.51 3.55
C LYS A 211 24.87 4.84 4.01
N ASP A 212 25.16 5.17 5.27
CA ASP A 212 24.71 6.38 5.97
C ASP A 212 23.34 6.85 5.49
N VAL A 213 22.34 5.98 5.59
CA VAL A 213 20.95 6.37 5.42
C VAL A 213 20.38 6.70 6.79
N HIS A 214 19.77 7.87 6.92
CA HIS A 214 19.26 8.30 8.21
C HIS A 214 18.05 7.48 8.62
N ILE A 215 18.08 6.92 9.82
CA ILE A 215 16.99 6.10 10.32
C ILE A 215 16.34 6.67 11.58
N GLY A 216 17.04 7.50 12.34
CA GLY A 216 16.44 8.14 13.49
C GLY A 216 15.70 9.38 13.08
N ASN A 217 15.94 10.49 13.77
CA ASN A 217 15.40 11.77 13.33
C ASN A 217 16.36 12.86 13.74
N ASP A 218 17.04 13.45 12.75
CA ASP A 218 17.94 14.56 12.96
C ASP A 218 17.56 15.79 12.15
N MET A 219 17.12 15.56 10.90
CA MET A 219 16.77 16.67 9.98
C MET A 219 15.62 17.51 10.55
N GLY A 220 15.75 18.83 10.48
CA GLY A 220 14.70 19.70 10.99
C GLY A 220 15.04 21.17 10.81
N ASP A 221 14.41 22.03 11.61
CA ASP A 221 14.72 23.46 11.55
C ASP A 221 14.86 24.06 12.93
N GLY A 222 15.20 23.27 13.94
CA GLY A 222 15.40 23.79 15.28
C GLY A 222 14.16 24.36 15.92
N THR A 223 13.00 23.74 15.68
CA THR A 223 11.74 24.21 16.24
C THR A 223 11.19 23.27 17.30
N ILE A 224 11.00 21.99 16.97
CA ILE A 224 10.40 21.05 17.91
C ILE A 224 11.38 19.92 18.22
N GLY A 225 12.68 20.24 18.25
CA GLY A 225 13.70 19.28 18.62
C GLY A 225 14.52 18.75 17.48
N ALA A 226 14.12 18.97 16.24
CA ALA A 226 14.86 18.51 15.07
C ALA A 226 15.71 19.65 14.55
N SER A 227 17.03 19.45 14.51
CA SER A 227 17.94 20.53 14.17
C SER A 227 19.06 20.07 13.25
N GLY A 228 18.75 19.26 12.24
CA GLY A 228 19.75 18.76 11.31
C GLY A 228 19.66 19.42 9.94
N THR A 229 20.63 19.06 9.10
CA THR A 229 20.71 19.59 7.75
C THR A 229 21.28 18.53 6.84
N VAL A 230 20.57 18.24 5.75
CA VAL A 230 20.99 17.26 4.75
C VAL A 230 21.26 17.99 3.45
N ASP A 231 22.16 17.43 2.64
CA ASP A 231 22.77 18.19 1.55
C ASP A 231 22.83 17.38 0.26
N TRP A 232 21.73 16.80 -0.18
CA TRP A 232 21.68 16.23 -1.51
C TRP A 232 20.62 16.94 -2.35
N THR A 233 20.68 16.71 -3.66
CA THR A 233 19.79 17.39 -4.59
C THR A 233 18.34 17.05 -4.29
N THR A 234 17.50 18.09 -4.23
CA THR A 234 16.09 17.94 -3.91
C THR A 234 15.26 18.24 -5.15
N TYR A 235 14.17 17.49 -5.32
CA TYR A 235 13.36 17.62 -6.53
C TYR A 235 12.84 19.04 -6.79
N PRO A 236 12.39 19.80 -5.79
CA PRO A 236 11.98 21.19 -6.09
C PRO A 236 13.08 22.04 -6.70
N GLU A 237 14.34 21.75 -6.37
CA GLU A 237 15.43 22.47 -7.03
C GLU A 237 15.46 22.15 -8.52
N ARG A 238 15.25 20.88 -8.88
CA ARG A 238 15.15 20.53 -10.29
C ARG A 238 13.96 21.20 -10.93
N LEU A 239 12.86 21.33 -10.19
CA LEU A 239 11.69 22.04 -10.71
C LEU A 239 12.01 23.50 -10.99
N SER A 240 12.71 24.16 -10.07
CA SER A 240 13.11 25.55 -10.28
C SER A 240 14.07 25.67 -11.47
N ALA A 241 15.02 24.75 -11.58
CA ALA A 241 15.97 24.81 -12.68
C ALA A 241 15.27 24.60 -14.02
N ALA A 242 14.31 23.67 -14.07
CA ALA A 242 13.60 23.41 -15.31
C ALA A 242 12.75 24.58 -15.76
N GLY A 243 12.12 25.29 -14.84
CA GLY A 243 11.24 26.38 -15.20
C GLY A 243 9.78 26.12 -15.02
N VAL A 244 9.40 25.25 -14.09
CA VAL A 244 8.00 24.97 -13.79
C VAL A 244 7.64 25.64 -12.47
N ASP A 245 6.54 26.39 -12.48
CA ASP A 245 6.12 27.12 -11.30
C ASP A 245 5.76 26.16 -10.17
N TRP A 246 6.40 26.34 -9.02
CA TRP A 246 6.09 25.51 -7.87
C TRP A 246 6.03 26.39 -6.63
N ARG A 247 5.22 25.96 -5.67
CA ARG A 247 5.03 26.71 -4.44
C ARG A 247 4.66 25.77 -3.32
N VAL A 248 4.85 26.24 -2.09
CA VAL A 248 4.51 25.48 -0.89
C VAL A 248 3.59 26.34 -0.05
N TYR A 249 2.45 25.78 0.36
CA TYR A 249 1.46 26.51 1.13
C TYR A 249 1.51 26.08 2.59
N GLN A 250 1.89 27.01 3.45
CA GLN A 250 1.94 26.78 4.88
C GLN A 250 1.65 28.09 5.59
N GLU A 251 1.22 28.00 6.84
CA GLU A 251 0.87 29.20 7.58
C GLU A 251 2.10 29.97 8.05
N GLY A 252 3.24 29.32 8.20
CA GLY A 252 4.44 30.00 8.65
C GLY A 252 5.68 29.38 8.05
N GLY A 253 6.78 30.11 8.15
CA GLY A 253 8.06 29.62 7.69
C GLY A 253 8.96 29.14 8.81
N TYR A 254 10.16 29.73 8.90
CA TYR A 254 11.12 29.40 9.94
C TYR A 254 10.58 29.78 11.31
N ARG A 255 10.74 28.87 12.27
CA ARG A 255 10.39 29.10 13.68
C ARG A 255 8.91 29.38 13.89
N SER A 256 8.06 29.02 12.93
CA SER A 256 6.63 29.19 13.14
C SER A 256 6.13 28.27 14.24
N SER A 257 6.44 26.99 14.16
CA SER A 257 6.05 26.05 15.19
C SER A 257 6.92 26.21 16.42
N SER A 258 6.33 26.01 17.59
CA SER A 258 7.03 26.18 18.86
C SER A 258 6.60 25.10 19.84
N LEU A 259 7.56 24.57 20.60
CA LEU A 259 7.22 23.58 21.62
C LEU A 259 6.29 24.18 22.66
N TRP A 260 6.59 25.42 23.07
CA TRP A 260 5.78 26.08 24.10
C TRP A 260 4.34 26.23 23.67
N TYR A 261 4.09 26.17 22.36
CA TYR A 261 2.74 26.34 21.85
C TYR A 261 2.01 25.02 21.71
N LEU A 262 2.69 23.97 21.24
CA LEU A 262 2.02 22.75 20.81
C LEU A 262 2.26 21.54 21.68
N TYR A 263 3.37 21.47 22.41
CA TYR A 263 3.72 20.26 23.14
C TYR A 263 3.73 20.47 24.64
N VAL A 264 2.91 21.39 25.14
CA VAL A 264 2.72 21.60 26.56
C VAL A 264 1.25 21.45 26.94
N ASP A 265 0.50 20.66 26.17
CA ASP A 265 -0.95 20.50 26.25
C ASP A 265 -1.69 21.76 25.83
N ALA A 266 -0.96 22.84 25.54
CA ALA A 266 -1.53 24.11 25.09
C ALA A 266 -2.65 24.59 26.00
N TYR A 267 -2.41 24.56 27.31
CA TYR A 267 -3.44 24.93 28.28
C TYR A 267 -4.02 26.31 28.00
N TRP A 268 -3.21 27.21 27.45
CA TRP A 268 -3.71 28.54 27.12
C TRP A 268 -4.81 28.46 26.07
N LYS A 269 -4.60 27.66 25.02
CA LYS A 269 -5.61 27.46 23.99
C LYS A 269 -6.07 26.01 23.93
N TYR A 270 -5.16 25.07 23.66
CA TYR A 270 -5.51 23.67 23.38
C TYR A 270 -6.57 23.55 22.29
N ARG A 271 -6.78 24.61 21.51
CA ARG A 271 -7.91 24.61 20.59
C ARG A 271 -7.45 24.64 19.15
N LEU A 272 -6.79 25.69 18.72
CA LEU A 272 -6.53 25.91 17.30
C LEU A 272 -5.27 26.76 17.16
N GLN A 273 -4.50 26.48 16.12
CA GLN A 273 -3.35 27.32 15.79
C GLN A 273 -3.20 27.32 14.27
N GLU A 274 -3.74 28.35 13.63
CA GLU A 274 -3.70 28.49 12.18
C GLU A 274 -2.50 29.29 11.70
N GLN A 275 -1.40 29.26 12.44
CA GLN A 275 -0.23 30.06 12.08
C GLN A 275 1.05 29.27 11.92
N ASN A 276 1.20 28.12 12.59
CA ASN A 276 2.44 27.36 12.52
C ASN A 276 2.35 26.28 11.45
N ASN A 277 3.42 25.48 11.34
CA ASN A 277 3.48 24.41 10.36
C ASN A 277 3.99 23.09 10.93
N TYR A 278 4.28 23.01 12.23
CA TYR A 278 4.68 21.78 12.90
C TYR A 278 5.96 21.19 12.31
N ASP A 279 6.79 22.02 11.67
CA ASP A 279 8.08 21.60 11.14
C ASP A 279 7.92 20.43 10.16
N CYS A 280 6.83 20.45 9.40
CA CYS A 280 6.57 19.39 8.43
C CYS A 280 7.05 19.75 7.04
N ASN A 281 7.72 20.90 6.87
CA ASN A 281 8.25 21.32 5.58
C ASN A 281 9.61 20.65 5.40
N ALA A 282 9.66 19.62 4.56
CA ALA A 282 10.91 18.89 4.38
C ALA A 282 11.88 19.62 3.46
N LEU A 283 11.42 20.65 2.75
CA LEU A 283 12.33 21.46 1.96
C LEU A 283 13.17 22.39 2.82
N ALA A 284 12.77 22.62 4.06
CA ALA A 284 13.46 23.56 4.93
C ALA A 284 14.64 22.96 5.66
N TRP A 285 14.88 21.66 5.51
CA TRP A 285 15.98 21.01 6.21
C TRP A 285 17.25 20.91 5.38
N PHE A 286 17.25 21.47 4.17
CA PHE A 286 18.39 21.32 3.26
C PHE A 286 19.26 22.57 3.28
N ARG A 287 20.55 22.36 3.02
CA ARG A 287 21.52 23.43 3.16
C ARG A 287 21.25 24.57 2.19
N ASN A 288 20.91 24.25 0.93
CA ASN A 288 20.63 25.30 -0.04
C ASN A 288 19.46 26.16 0.39
N PHE A 289 18.39 25.53 0.87
CA PHE A 289 17.22 26.30 1.29
C PHE A 289 17.46 27.02 2.61
N LYS A 290 18.06 26.32 3.58
CA LYS A 290 18.23 26.92 4.90
C LYS A 290 19.20 28.10 4.87
N ASN A 291 20.10 28.15 3.90
CA ASN A 291 21.06 29.23 3.77
C ASN A 291 20.92 29.98 2.46
N ALA A 292 19.76 29.90 1.82
CA ALA A 292 19.50 30.68 0.62
C ALA A 292 19.43 32.16 0.96
N PRO A 293 19.63 33.04 -0.01
CA PRO A 293 19.44 34.46 0.25
C PRO A 293 18.02 34.74 0.70
N ARG A 294 17.88 35.66 1.65
CA ARG A 294 16.56 35.94 2.23
C ARG A 294 15.58 36.42 1.18
N ASP A 295 16.06 37.15 0.18
CA ASP A 295 15.24 37.70 -0.88
C ASP A 295 15.27 36.84 -2.14
N SER A 296 15.84 35.65 -2.06
CA SER A 296 16.05 34.84 -3.25
C SER A 296 14.74 34.26 -3.76
N ASP A 297 14.77 33.81 -5.01
CA ASP A 297 13.61 33.18 -5.63
C ASP A 297 13.22 31.90 -4.90
N LEU A 298 14.21 31.10 -4.49
CA LEU A 298 13.93 29.84 -3.84
C LEU A 298 13.20 30.06 -2.52
N TRP A 299 13.67 31.00 -1.71
CA TRP A 299 13.02 31.27 -0.43
C TRP A 299 11.62 31.83 -0.63
N GLN A 300 11.41 32.59 -1.70
CA GLN A 300 10.06 33.07 -2.01
C GLN A 300 9.12 31.94 -2.38
N ARG A 301 9.55 31.07 -3.31
CA ARG A 301 8.67 30.01 -3.78
C ARG A 301 8.39 28.98 -2.68
N ALA A 302 9.40 28.63 -1.89
CA ALA A 302 9.31 27.46 -1.04
C ALA A 302 8.85 27.78 0.38
N MET A 303 9.59 28.62 1.08
CA MET A 303 9.49 28.68 2.53
C MET A 303 9.09 30.11 2.90
N LEU A 304 7.83 30.27 3.29
CA LEU A 304 7.29 31.58 3.66
C LEU A 304 6.08 31.33 4.55
N ALA A 305 5.29 32.38 4.74
CA ALA A 305 4.02 32.27 5.43
C ALA A 305 2.89 32.57 4.45
N ARG A 306 1.97 31.62 4.31
CA ARG A 306 0.82 31.78 3.42
C ARG A 306 -0.42 31.29 4.15
N GLY A 307 -1.51 31.14 3.42
CA GLY A 307 -2.76 30.69 4.01
C GLY A 307 -3.69 30.08 2.98
N VAL A 308 -4.64 29.30 3.48
CA VAL A 308 -5.60 28.66 2.59
C VAL A 308 -6.53 29.72 1.99
N ASP A 309 -6.79 30.81 2.71
CA ASP A 309 -7.55 31.91 2.12
C ASP A 309 -6.80 32.50 0.92
N GLN A 310 -5.47 32.59 1.02
CA GLN A 310 -4.70 33.00 -0.14
C GLN A 310 -4.78 31.97 -1.25
N LEU A 311 -4.94 30.69 -0.90
CA LEU A 311 -5.16 29.68 -1.93
C LEU A 311 -6.47 29.91 -2.65
N ARG A 312 -7.53 30.25 -1.92
CA ARG A 312 -8.80 30.56 -2.56
C ARG A 312 -8.68 31.80 -3.43
N LYS A 313 -7.95 32.80 -2.95
CA LYS A 313 -7.71 34.00 -3.75
C LYS A 313 -6.98 33.66 -5.05
N ASP A 314 -5.95 32.83 -4.95
CA ASP A 314 -5.19 32.46 -6.15
C ASP A 314 -6.05 31.67 -7.12
N VAL A 315 -6.88 30.75 -6.61
CA VAL A 315 -7.75 29.98 -7.48
C VAL A 315 -8.73 30.90 -8.19
N GLN A 316 -9.32 31.84 -7.45
CA GLN A 316 -10.27 32.76 -8.06
C GLN A 316 -9.60 33.76 -8.99
N GLU A 317 -8.28 33.88 -8.94
CA GLU A 317 -7.56 34.78 -9.82
C GLU A 317 -6.94 34.07 -11.02
N ASN A 318 -7.09 32.76 -11.13
CA ASN A 318 -6.50 31.96 -12.21
C ASN A 318 -4.98 32.03 -12.20
N THR A 319 -4.38 32.16 -11.01
CA THR A 319 -2.94 32.19 -10.84
C THR A 319 -2.49 31.11 -9.87
N LEU A 320 -3.04 29.93 -9.99
CA LEU A 320 -2.63 28.83 -9.12
C LEU A 320 -1.24 28.35 -9.52
N PRO A 321 -0.32 28.17 -8.58
CA PRO A 321 0.97 27.58 -8.92
C PRO A 321 0.78 26.20 -9.52
N GLN A 322 1.65 25.87 -10.48
CA GLN A 322 1.48 24.61 -11.21
C GLN A 322 1.52 23.42 -10.27
N VAL A 323 2.54 23.35 -9.43
CA VAL A 323 2.71 22.24 -8.50
C VAL A 323 2.80 22.82 -7.10
N SER A 324 1.87 22.42 -6.23
CA SER A 324 1.75 22.99 -4.90
C SER A 324 1.84 21.88 -3.86
N TRP A 325 2.79 22.02 -2.95
CA TRP A 325 2.85 21.18 -1.75
C TRP A 325 2.08 21.90 -0.65
N ILE A 326 0.98 21.31 -0.21
CA ILE A 326 0.16 21.89 0.85
C ILE A 326 0.53 21.21 2.16
N VAL A 327 1.11 21.98 3.06
CA VAL A 327 1.48 21.49 4.38
C VAL A 327 0.41 21.93 5.36
N ALA A 328 0.28 21.19 6.44
CA ALA A 328 -0.84 21.50 7.30
C ALA A 328 -0.38 21.98 8.67
N PRO A 329 -1.18 22.81 9.33
CA PRO A 329 -0.93 23.12 10.74
C PRO A 329 -1.15 21.89 11.60
N TYR A 330 -0.53 21.91 12.78
CA TYR A 330 -0.52 20.73 13.63
C TYR A 330 -1.92 20.37 14.09
N CYS A 331 -2.77 21.37 14.33
CA CYS A 331 -4.13 21.12 14.78
C CYS A 331 -4.98 20.41 13.75
N TYR A 332 -4.53 20.34 12.50
CA TYR A 332 -5.32 19.76 11.43
C TYR A 332 -4.66 18.61 10.68
N CYS A 333 -3.38 18.31 10.93
CA CYS A 333 -2.64 17.42 10.06
C CYS A 333 -2.83 15.94 10.40
N GLU A 334 -3.95 15.59 11.03
CA GLU A 334 -4.33 14.21 11.34
C GLU A 334 -3.44 13.55 12.38
N HIS A 335 -2.55 14.28 13.03
CA HIS A 335 -1.66 13.65 14.00
C HIS A 335 -2.47 13.16 15.21
N PRO A 336 -2.05 12.06 15.85
CA PRO A 336 -2.89 11.45 16.89
C PRO A 336 -3.19 12.36 18.06
N TRP A 337 -2.42 13.43 18.26
CA TRP A 337 -2.78 14.42 19.26
C TRP A 337 -4.13 15.07 18.94
N TRP A 338 -4.59 14.95 17.70
CA TRP A 338 -5.77 15.62 17.20
C TRP A 338 -6.62 14.59 16.46
N GLY A 339 -7.90 14.88 16.32
CA GLY A 339 -8.83 13.94 15.75
C GLY A 339 -8.86 13.99 14.23
N PRO A 340 -9.37 12.91 13.63
CA PRO A 340 -9.61 12.93 12.17
C PRO A 340 -10.65 13.94 11.74
N SER A 341 -11.53 14.39 12.63
CA SER A 341 -12.53 15.39 12.25
C SER A 341 -11.87 16.71 11.85
N PHE A 342 -10.81 17.10 12.56
CA PHE A 342 -10.10 18.32 12.20
C PHE A 342 -9.45 18.21 10.83
N GLY A 343 -8.84 17.06 10.55
CA GLY A 343 -8.30 16.83 9.22
C GLY A 343 -9.37 16.87 8.15
N GLU A 344 -10.55 16.35 8.47
CA GLU A 344 -11.68 16.46 7.55
C GLU A 344 -12.03 17.91 7.29
N TYR A 345 -12.03 18.74 8.34
CA TYR A 345 -12.37 20.15 8.15
C TYR A 345 -11.35 20.87 7.28
N TYR A 346 -10.06 20.58 7.48
CA TYR A 346 -9.05 21.17 6.62
C TYR A 346 -9.17 20.68 5.19
N VAL A 347 -9.46 19.39 4.99
CA VAL A 347 -9.66 18.89 3.64
C VAL A 347 -10.87 19.58 3.00
N THR A 348 -11.90 19.85 3.79
CA THR A 348 -13.05 20.60 3.27
C THR A 348 -12.65 21.99 2.83
N ARG A 349 -11.82 22.66 3.63
CA ARG A 349 -11.36 24.00 3.27
C ARG A 349 -10.55 23.96 1.97
N VAL A 350 -9.64 23.00 1.85
CA VAL A 350 -8.84 22.90 0.62
C VAL A 350 -9.75 22.60 -0.56
N LEU A 351 -10.71 21.69 -0.39
CA LEU A 351 -11.56 21.31 -1.50
C LEU A 351 -12.42 22.47 -1.97
N ASP A 352 -13.02 23.22 -1.04
CA ASP A 352 -13.88 24.32 -1.48
C ASP A 352 -13.06 25.47 -2.04
N ALA A 353 -11.83 25.64 -1.54
CA ALA A 353 -10.95 26.63 -2.15
C ALA A 353 -10.60 26.23 -3.58
N LEU A 354 -10.33 24.95 -3.81
CA LEU A 354 -9.91 24.51 -5.13
C LEU A 354 -11.06 24.54 -6.13
N THR A 355 -12.24 24.08 -5.72
CA THR A 355 -13.34 23.86 -6.64
C THR A 355 -14.15 25.13 -6.93
N SER A 356 -13.59 26.30 -6.63
CA SER A 356 -14.32 27.56 -6.81
C SER A 356 -14.19 28.13 -8.21
N ASN A 357 -13.91 27.32 -9.23
CA ASN A 357 -13.82 27.82 -10.59
C ASN A 357 -13.83 26.66 -11.59
N PRO A 358 -14.53 26.80 -12.72
CA PRO A 358 -14.56 25.70 -13.70
C PRO A 358 -13.23 25.48 -14.39
N GLU A 359 -12.55 26.55 -14.81
CA GLU A 359 -11.32 26.40 -15.57
C GLU A 359 -10.21 25.77 -14.73
N VAL A 360 -10.12 26.14 -13.46
CA VAL A 360 -9.09 25.57 -12.58
C VAL A 360 -9.40 24.11 -12.29
N TRP A 361 -10.64 23.80 -11.96
CA TRP A 361 -10.98 22.42 -11.61
C TRP A 361 -10.92 21.50 -12.83
N ALA A 362 -11.11 22.04 -14.03
CA ALA A 362 -11.03 21.21 -15.23
C ALA A 362 -9.64 20.69 -15.48
N ARG A 363 -8.62 21.25 -14.83
CA ARG A 363 -7.24 20.84 -15.04
C ARG A 363 -6.49 20.79 -13.72
N THR A 364 -7.10 20.21 -12.69
CA THR A 364 -6.47 20.09 -11.38
C THR A 364 -6.55 18.66 -10.90
N VAL A 365 -5.46 18.21 -10.25
CA VAL A 365 -5.39 16.88 -9.65
C VAL A 365 -4.95 17.05 -8.21
N PHE A 366 -5.76 16.58 -7.27
CA PHE A 366 -5.51 16.71 -5.85
C PHE A 366 -5.24 15.33 -5.28
N ILE A 367 -4.10 15.16 -4.62
CA ILE A 367 -3.69 13.85 -4.12
C ILE A 367 -3.49 13.94 -2.62
N LEU A 368 -4.28 13.16 -1.87
CA LEU A 368 -4.22 13.15 -0.42
C LEU A 368 -3.61 11.82 0.02
N ASN A 369 -2.52 11.90 0.77
CA ASN A 369 -1.86 10.70 1.27
C ASN A 369 -1.28 10.98 2.66
N TYR A 370 -0.70 9.95 3.25
CA TYR A 370 -0.15 10.03 4.60
C TYR A 370 1.28 9.55 4.58
N ASP A 371 2.05 9.95 5.59
CA ASP A 371 3.46 9.57 5.63
C ASP A 371 3.65 8.14 6.12
N GLU A 372 3.23 7.87 7.35
CA GLU A 372 3.38 6.54 7.92
C GLU A 372 2.08 6.16 8.62
N GLY A 373 1.89 4.86 8.80
CA GLY A 373 0.71 4.35 9.46
C GLY A 373 0.78 4.32 10.96
N ASP A 374 1.86 4.83 11.54
CA ASP A 374 2.07 4.81 13.00
C ASP A 374 2.03 3.35 13.46
N GLY A 375 1.65 3.12 14.71
CA GLY A 375 1.50 1.79 15.22
C GLY A 375 0.15 1.16 14.97
N PHE A 376 -0.74 1.83 14.25
CA PHE A 376 -2.08 1.31 14.00
C PHE A 376 -2.02 0.05 13.15
N TYR A 377 -2.94 -0.88 13.42
CA TYR A 377 -2.83 -2.22 12.87
C TYR A 377 -3.14 -2.25 11.37
N ASP A 378 -2.31 -2.98 10.63
CA ASP A 378 -2.58 -3.33 9.25
C ASP A 378 -2.16 -4.77 9.03
N HIS A 379 -2.97 -5.51 8.26
CA HIS A 379 -2.79 -6.95 8.18
C HIS A 379 -1.87 -7.40 7.05
N ALA A 380 -1.76 -6.63 5.97
CA ALA A 380 -0.95 -7.06 4.85
C ALA A 380 0.53 -6.98 5.18
N SER A 381 1.34 -7.70 4.41
CA SER A 381 2.79 -7.69 4.56
C SER A 381 3.40 -7.09 3.30
N ALA A 382 4.24 -6.09 3.47
CA ALA A 382 4.75 -5.34 2.33
C ALA A 382 5.82 -6.11 1.59
N PRO A 383 5.95 -5.89 0.28
CA PRO A 383 7.12 -6.39 -0.44
C PRO A 383 8.41 -5.80 0.11
N VAL A 384 9.44 -6.63 0.18
CA VAL A 384 10.75 -6.20 0.66
C VAL A 384 11.83 -6.82 -0.22
N PRO A 385 12.98 -6.16 -0.33
CA PRO A 385 14.09 -6.73 -1.09
C PRO A 385 14.84 -7.74 -0.27
N PRO A 386 15.48 -8.72 -0.90
CA PRO A 386 16.28 -9.68 -0.15
C PRO A 386 17.42 -8.99 0.59
N TRP A 387 17.72 -9.48 1.79
CA TRP A 387 18.74 -8.86 2.63
C TRP A 387 19.88 -9.80 3.00
N LYS A 388 19.81 -11.07 2.65
CA LYS A 388 20.88 -12.01 2.93
C LYS A 388 20.72 -13.20 1.98
N ASP A 389 21.39 -14.30 2.31
CA ASP A 389 21.24 -15.52 1.55
C ASP A 389 20.03 -16.32 2.03
N GLY A 390 19.61 -17.27 1.21
CA GLY A 390 18.52 -18.14 1.58
C GLY A 390 17.19 -17.47 1.80
N VAL A 391 17.04 -16.23 1.34
CA VAL A 391 15.79 -15.51 1.47
C VAL A 391 15.30 -14.98 0.11
N GLY A 392 15.66 -15.66 -0.96
CA GLY A 392 15.15 -15.34 -2.28
C GLY A 392 16.12 -14.49 -3.07
N LEU A 393 15.82 -14.37 -4.36
CA LEU A 393 16.63 -13.63 -5.31
C LEU A 393 15.76 -12.66 -6.08
N SER A 394 16.38 -11.58 -6.55
CA SER A 394 15.70 -10.56 -7.32
C SER A 394 16.45 -10.32 -8.63
N THR A 395 15.71 -10.26 -9.73
CA THR A 395 16.34 -9.99 -11.01
C THR A 395 16.84 -8.56 -11.14
N VAL A 396 16.46 -7.67 -10.23
CA VAL A 396 16.83 -6.26 -10.31
C VAL A 396 17.75 -5.93 -9.14
N SER A 397 18.89 -5.30 -9.45
CA SER A 397 19.90 -5.04 -8.45
C SER A 397 19.35 -4.14 -7.35
N THR A 398 19.60 -4.54 -6.11
CA THR A 398 19.04 -3.87 -4.93
C THR A 398 20.04 -2.92 -4.30
N ALA A 399 20.85 -2.27 -5.12
CA ALA A 399 21.87 -1.37 -4.60
C ALA A 399 21.23 -0.19 -3.87
N GLY A 400 21.68 0.05 -2.65
CA GLY A 400 21.20 1.18 -1.88
C GLY A 400 19.89 0.98 -1.15
N GLU A 401 19.26 -0.19 -1.28
CA GLU A 401 17.98 -0.43 -0.64
C GLU A 401 18.11 -1.17 0.68
N ILE A 402 19.32 -1.57 1.07
CA ILE A 402 19.54 -2.37 2.26
C ILE A 402 20.36 -1.55 3.24
N GLU A 403 19.90 -1.51 4.49
CA GLU A 403 20.64 -0.79 5.53
C GLU A 403 21.95 -1.51 5.81
N ALA A 404 23.06 -0.78 5.71
CA ALA A 404 24.37 -1.40 5.83
C ALA A 404 24.64 -1.88 7.25
N SER A 405 24.41 -1.01 8.25
CA SER A 405 24.76 -1.36 9.62
C SER A 405 23.83 -2.44 10.17
N SER A 406 22.53 -2.25 10.01
CA SER A 406 21.57 -3.20 10.56
C SER A 406 21.55 -4.50 9.75
N GLY A 407 21.50 -4.38 8.44
CA GLY A 407 21.41 -5.51 7.55
C GLY A 407 20.00 -5.82 7.08
N LEU A 408 18.99 -5.38 7.82
CA LEU A 408 17.62 -5.59 7.39
C LEU A 408 17.22 -4.55 6.34
N PRO A 409 16.32 -4.89 5.43
CA PRO A 409 15.93 -3.94 4.38
C PRO A 409 15.15 -2.77 4.95
N ILE A 410 15.23 -1.65 4.24
CA ILE A 410 14.58 -0.42 4.70
C ILE A 410 13.07 -0.52 4.52
N GLY A 411 12.61 -0.74 3.29
CA GLY A 411 11.20 -0.79 3.01
C GLY A 411 10.81 -1.97 2.16
N LEU A 412 9.58 -1.98 1.65
CA LEU A 412 8.58 -0.95 1.93
C LEU A 412 7.85 -1.25 3.22
N GLY A 413 6.86 -0.43 3.54
CA GLY A 413 6.19 -0.55 4.82
C GLY A 413 4.71 -0.86 4.73
N HIS A 414 4.01 -0.67 5.83
CA HIS A 414 2.60 -1.02 5.91
C HIS A 414 1.77 -0.03 5.11
N ARG A 415 0.45 -0.21 5.18
CA ARG A 415 -0.46 0.48 4.28
C ARG A 415 -0.94 1.80 4.85
N VAL A 416 -1.05 2.80 3.99
CA VAL A 416 -1.63 4.09 4.35
C VAL A 416 -2.53 4.56 3.22
N PRO A 417 -3.59 5.29 3.55
CA PRO A 417 -4.58 5.65 2.54
C PRO A 417 -4.03 6.61 1.49
N LEU A 418 -4.57 6.48 0.28
CA LEU A 418 -4.33 7.44 -0.79
C LEU A 418 -5.63 7.67 -1.52
N ILE A 419 -6.06 8.94 -1.57
CA ILE A 419 -7.29 9.33 -2.23
C ILE A 419 -6.95 10.31 -3.34
N ALA A 420 -7.45 10.05 -4.54
CA ALA A 420 -7.17 10.85 -5.72
C ALA A 420 -8.45 11.59 -6.12
N ILE A 421 -8.40 12.91 -6.12
CA ILE A 421 -9.55 13.74 -6.40
C ILE A 421 -9.27 14.52 -7.68
N SER A 422 -10.05 14.23 -8.72
CA SER A 422 -9.90 14.87 -10.02
C SER A 422 -11.13 14.53 -10.85
N PRO A 423 -11.40 15.33 -11.88
CA PRO A 423 -12.49 14.96 -12.80
C PRO A 423 -12.25 13.64 -13.50
N TRP A 424 -11.02 13.14 -13.51
CA TRP A 424 -10.69 11.86 -14.12
C TRP A 424 -10.64 10.71 -13.13
N SER A 425 -10.99 10.93 -11.86
CA SER A 425 -10.79 9.92 -10.83
C SER A 425 -12.04 9.75 -9.97
N LYS A 426 -13.22 9.87 -10.56
CA LYS A 426 -14.46 9.66 -9.82
C LYS A 426 -14.87 8.19 -9.93
N GLY A 427 -16.07 7.88 -9.47
CA GLY A 427 -16.62 6.55 -9.57
C GLY A 427 -16.35 5.65 -8.39
N GLY A 428 -15.57 6.09 -7.42
CA GLY A 428 -15.30 5.28 -6.23
C GLY A 428 -14.56 3.99 -6.54
N LYS A 429 -13.51 4.08 -7.34
CA LYS A 429 -12.78 2.90 -7.76
C LYS A 429 -11.69 2.54 -6.75
N VAL A 430 -11.23 1.29 -6.83
CA VAL A 430 -10.18 0.76 -5.96
C VAL A 430 -9.08 0.21 -6.85
N SER A 431 -7.83 0.62 -6.58
CA SER A 431 -6.69 0.27 -7.41
C SER A 431 -5.76 -0.65 -6.62
N ALA A 432 -5.47 -1.81 -7.19
CA ALA A 432 -4.74 -2.86 -6.47
C ALA A 432 -3.23 -2.81 -6.64
N GLU A 433 -2.71 -1.95 -7.51
CA GLU A 433 -1.27 -1.87 -7.70
C GLU A 433 -0.61 -1.28 -6.46
N VAL A 434 0.65 -1.63 -6.25
CA VAL A 434 1.40 -1.19 -5.09
C VAL A 434 2.12 0.12 -5.40
N PHE A 435 1.93 1.11 -4.54
CA PHE A 435 2.54 2.43 -4.70
C PHE A 435 3.24 2.82 -3.40
N ASP A 436 4.29 3.62 -3.54
CA ASP A 436 4.99 4.18 -2.41
C ASP A 436 5.11 5.69 -2.61
N HIS A 437 5.73 6.36 -1.63
CA HIS A 437 5.85 7.82 -1.69
C HIS A 437 6.57 8.28 -2.95
N THR A 438 7.52 7.48 -3.43
CA THR A 438 8.25 7.82 -4.65
C THR A 438 7.36 7.82 -5.88
N SER A 439 6.19 7.19 -5.81
CA SER A 439 5.26 7.22 -6.94
C SER A 439 4.76 8.63 -7.23
N VAL A 440 4.65 9.47 -6.21
CA VAL A 440 4.23 10.86 -6.42
C VAL A 440 5.30 11.61 -7.23
N LEU A 441 6.55 11.48 -6.83
CA LEU A 441 7.63 12.13 -7.56
C LEU A 441 7.75 11.56 -8.96
N ARG A 442 7.52 10.26 -9.12
CA ARG A 442 7.52 9.66 -10.45
C ARG A 442 6.37 10.19 -11.29
N PHE A 443 5.22 10.46 -10.66
CA PHE A 443 4.10 11.06 -11.39
C PHE A 443 4.47 12.46 -11.87
N LEU A 444 5.11 13.26 -11.01
CA LEU A 444 5.59 14.56 -11.44
C LEU A 444 6.61 14.43 -12.57
N GLU A 445 7.47 13.42 -12.49
CA GLU A 445 8.41 13.13 -13.57
C GLU A 445 7.68 12.85 -14.88
N ARG A 446 6.66 11.99 -14.81
CA ARG A 446 5.92 11.61 -16.02
C ARG A 446 5.22 12.80 -16.63
N ARG A 447 4.62 13.64 -15.79
CA ARG A 447 3.92 14.82 -16.33
C ARG A 447 4.89 15.83 -16.91
N PHE A 448 5.95 16.18 -16.18
CA PHE A 448 6.75 17.34 -16.55
C PHE A 448 8.07 16.98 -17.23
N GLY A 449 8.49 15.72 -17.16
CA GLY A 449 9.68 15.28 -17.87
C GLY A 449 10.98 15.45 -17.13
N VAL A 450 10.97 16.06 -15.95
CA VAL A 450 12.19 16.24 -15.16
C VAL A 450 12.40 14.96 -14.37
N VAL A 451 13.43 14.20 -14.74
CA VAL A 451 13.67 12.89 -14.16
C VAL A 451 14.62 13.03 -12.98
N GLU A 452 14.18 12.59 -11.81
CA GLU A 452 15.01 12.60 -10.62
C GLU A 452 15.82 11.30 -10.58
N GLU A 453 17.14 11.42 -10.70
CA GLU A 453 18.00 10.25 -10.69
C GLU A 453 18.17 9.64 -9.30
N ASN A 454 17.73 10.34 -8.24
CA ASN A 454 17.91 9.85 -6.89
C ASN A 454 17.11 8.59 -6.59
N ILE A 455 16.18 8.20 -7.47
CA ILE A 455 15.33 7.06 -7.19
C ILE A 455 16.13 5.78 -7.28
N SER A 456 16.11 5.00 -6.20
CA SER A 456 16.84 3.74 -6.18
C SER A 456 16.27 2.78 -7.22
N PRO A 457 17.12 2.01 -7.90
CA PRO A 457 16.64 1.16 -9.01
C PRO A 457 15.55 0.19 -8.59
N TRP A 458 15.67 -0.41 -7.40
CA TRP A 458 14.62 -1.31 -6.95
C TRP A 458 13.30 -0.57 -6.74
N ARG A 459 13.36 0.62 -6.15
CA ARG A 459 12.14 1.43 -6.01
C ARG A 459 11.61 1.87 -7.36
N ARG A 460 12.49 2.12 -8.33
CA ARG A 460 12.03 2.47 -9.67
C ARG A 460 11.27 1.33 -10.30
N ALA A 461 11.76 0.10 -10.13
CA ALA A 461 11.09 -1.04 -10.73
C ALA A 461 9.79 -1.38 -10.01
N VAL A 462 9.80 -1.43 -8.68
CA VAL A 462 8.68 -2.01 -7.94
C VAL A 462 7.45 -1.12 -8.02
N CYS A 463 7.61 0.18 -7.74
CA CYS A 463 6.47 1.06 -7.57
C CYS A 463 6.07 1.71 -8.89
N GLY A 464 4.77 1.97 -9.03
CA GLY A 464 4.23 2.56 -10.23
C GLY A 464 4.37 4.07 -10.26
N ASP A 465 3.71 4.67 -11.26
CA ASP A 465 3.81 6.11 -11.49
C ASP A 465 2.46 6.81 -11.43
N LEU A 466 1.45 6.17 -10.82
CA LEU A 466 0.13 6.76 -10.60
C LEU A 466 -0.60 7.07 -11.90
N THR A 467 -0.01 6.77 -13.04
CA THR A 467 -0.71 6.94 -14.31
C THR A 467 -1.79 5.88 -14.54
N SER A 468 -1.82 4.83 -13.72
CA SER A 468 -2.84 3.82 -13.82
C SER A 468 -4.10 4.16 -13.04
N LEU A 469 -4.06 5.17 -12.18
CA LEU A 469 -5.26 5.56 -11.44
C LEU A 469 -6.24 6.31 -12.32
N PHE A 470 -5.75 7.22 -13.15
CA PHE A 470 -6.59 8.20 -13.81
C PHE A 470 -6.97 7.75 -15.22
N ASP A 471 -8.18 8.10 -15.62
CA ASP A 471 -8.70 7.80 -16.96
C ASP A 471 -8.60 9.07 -17.79
N PHE A 472 -7.51 9.20 -18.54
CA PHE A 472 -7.25 10.39 -19.33
C PHE A 472 -7.84 10.30 -20.74
N GLN A 473 -8.51 9.20 -21.07
CA GLN A 473 -9.13 9.10 -22.38
C GLN A 473 -10.37 9.97 -22.49
N ASP A 474 -10.84 10.52 -21.37
CA ASP A 474 -11.97 11.45 -21.36
C ASP A 474 -11.60 12.62 -20.45
N ALA A 475 -12.59 13.46 -20.14
CA ALA A 475 -12.41 14.55 -19.20
C ALA A 475 -13.21 14.32 -17.91
N GLY A 476 -14.51 14.06 -18.04
CA GLY A 476 -15.33 13.86 -16.85
C GLY A 476 -15.36 15.05 -15.93
N ASP A 477 -15.47 16.24 -16.49
CA ASP A 477 -15.26 17.50 -15.78
C ASP A 477 -16.44 17.87 -14.89
N THR A 478 -17.28 16.91 -14.54
CA THR A 478 -18.47 17.18 -13.77
C THR A 478 -18.12 17.79 -12.41
N GLN A 479 -19.16 18.32 -11.77
CA GLN A 479 -19.02 18.95 -10.46
C GLN A 479 -18.91 17.89 -9.38
N VAL A 480 -18.86 18.32 -8.12
CA VAL A 480 -18.69 17.42 -6.98
C VAL A 480 -19.88 17.62 -6.04
N ALA A 481 -20.16 16.60 -5.25
CA ALA A 481 -21.37 16.59 -4.45
C ALA A 481 -21.43 17.81 -3.54
N PRO A 482 -22.60 18.43 -3.37
CA PRO A 482 -22.67 19.65 -2.57
C PRO A 482 -22.22 19.47 -1.13
N ASP A 483 -22.40 18.28 -0.56
CA ASP A 483 -22.08 18.08 0.85
C ASP A 483 -20.60 18.26 1.12
N LEU A 484 -19.74 17.71 0.26
CA LEU A 484 -18.32 17.70 0.58
C LEU A 484 -17.72 19.09 0.48
N THR A 485 -18.24 19.95 -0.40
CA THR A 485 -17.77 21.32 -0.50
C THR A 485 -18.51 22.27 0.42
N ASN A 486 -19.60 21.82 1.05
CA ASN A 486 -20.36 22.68 1.96
C ASN A 486 -19.63 22.74 3.30
N VAL A 487 -18.94 23.84 3.52
CA VAL A 487 -18.14 23.98 4.75
C VAL A 487 -18.98 23.95 6.01
N PRO A 488 -20.10 24.70 6.13
CA PRO A 488 -20.73 24.85 7.46
C PRO A 488 -21.14 23.55 8.14
N GLN A 489 -21.59 22.53 7.40
CA GLN A 489 -21.95 21.29 8.07
C GLN A 489 -20.71 20.58 8.61
N SER A 490 -19.60 20.61 7.85
CA SER A 490 -18.35 20.10 8.39
C SER A 490 -17.89 20.93 9.58
N ASP A 491 -18.20 22.23 9.58
CA ASP A 491 -17.93 23.05 10.75
C ASP A 491 -18.72 22.57 11.95
N ALA A 492 -20.00 22.23 11.74
CA ALA A 492 -20.80 21.68 12.82
C ALA A 492 -20.22 20.36 13.32
N ARG A 493 -19.76 19.51 12.39
CA ARG A 493 -19.13 18.25 12.77
C ARG A 493 -17.88 18.49 13.60
N LYS A 494 -17.03 19.43 13.18
CA LYS A 494 -15.84 19.76 13.97
C LYS A 494 -16.23 20.32 15.33
N GLU A 495 -17.25 21.18 15.37
CA GLU A 495 -17.66 21.81 16.62
C GLU A 495 -18.14 20.79 17.63
N ASP A 496 -19.08 19.94 17.23
CA ASP A 496 -19.58 18.95 18.18
C ASP A 496 -18.62 17.79 18.35
N ALA A 497 -17.64 17.63 17.47
CA ALA A 497 -16.57 16.68 17.71
C ALA A 497 -15.67 17.15 18.84
N TYR A 498 -15.26 18.42 18.79
CA TYR A 498 -14.46 18.95 19.89
C TYR A 498 -15.26 19.01 21.18
N TRP A 499 -16.50 19.49 21.11
CA TRP A 499 -17.24 19.80 22.33
C TRP A 499 -17.76 18.55 23.01
N GLN A 500 -18.13 17.52 22.24
CA GLN A 500 -18.66 16.31 22.87
C GLN A 500 -17.57 15.27 23.13
N GLN A 501 -16.86 14.84 22.08
CA GLN A 501 -15.96 13.71 22.24
C GLN A 501 -14.77 14.02 23.14
N PHE A 502 -14.54 15.29 23.47
CA PHE A 502 -13.47 15.62 24.40
C PHE A 502 -13.73 15.03 25.79
N TYR A 503 -14.97 15.12 26.27
CA TYR A 503 -15.26 14.76 27.65
C TYR A 503 -15.67 13.30 27.83
N ARG A 504 -15.85 12.55 26.75
CA ARG A 504 -16.23 11.14 26.88
C ARG A 504 -15.05 10.31 27.37
N PRO A 505 -15.32 9.18 28.01
CA PRO A 505 -14.23 8.33 28.50
C PRO A 505 -13.37 7.80 27.37
N SER A 506 -12.09 7.58 27.67
CA SER A 506 -11.16 7.12 26.66
C SER A 506 -11.43 5.67 26.29
N PRO A 507 -11.07 5.25 25.08
CA PRO A 507 -11.25 3.85 24.70
C PRO A 507 -10.25 2.94 25.40
N LYS A 508 -10.71 1.75 25.75
CA LYS A 508 -9.87 0.72 26.32
C LYS A 508 -9.96 -0.51 25.43
N TYR A 509 -9.42 -1.62 25.91
CA TYR A 509 -9.64 -2.92 25.29
C TYR A 509 -10.07 -3.93 26.34
N TRP A 510 -9.68 -3.70 27.59
CA TRP A 510 -10.11 -4.57 28.69
C TRP A 510 -11.57 -4.34 29.08
N SER A 511 -12.17 -3.24 28.66
CA SER A 511 -13.59 -3.04 28.87
C SER A 511 -14.41 -3.16 27.60
N TYR A 512 -13.78 -3.05 26.42
CA TYR A 512 -14.49 -3.12 25.16
C TYR A 512 -13.94 -4.25 24.28
N GLU A 513 -13.74 -5.43 24.85
CA GLU A 513 -13.25 -6.54 24.07
C GLU A 513 -14.30 -6.97 23.03
N PRO A 514 -13.88 -7.37 21.84
CA PRO A 514 -14.85 -7.76 20.81
C PRO A 514 -15.17 -9.24 20.84
N LYS A 515 -16.45 -9.55 20.64
CA LYS A 515 -16.89 -10.94 20.63
C LYS A 515 -16.53 -11.65 19.33
N SER A 516 -16.24 -10.91 18.27
CA SER A 516 -15.89 -11.50 16.99
C SER A 516 -15.06 -10.50 16.21
N LEU A 517 -14.38 -11.00 15.18
CA LEU A 517 -13.59 -10.13 14.35
C LEU A 517 -14.51 -9.22 13.52
N PRO A 518 -14.09 -7.99 13.29
CA PRO A 518 -14.95 -7.05 12.53
C PRO A 518 -15.22 -7.54 11.13
N GLY A 519 -16.42 -7.24 10.64
CA GLY A 519 -16.84 -7.64 9.32
C GLY A 519 -16.48 -6.61 8.26
N GLN A 520 -17.39 -6.40 7.32
CA GLN A 520 -17.15 -5.44 6.25
C GLN A 520 -18.49 -4.95 5.72
N GLU A 521 -18.47 -3.75 5.15
CA GLU A 521 -19.66 -3.19 4.53
C GLU A 521 -20.05 -4.01 3.31
N LYS A 522 -21.35 -4.19 3.11
CA LYS A 522 -21.84 -4.98 1.99
C LYS A 522 -21.70 -4.19 0.69
N GLY A 523 -21.18 -4.84 -0.33
CA GLY A 523 -21.12 -4.24 -1.66
C GLY A 523 -19.77 -4.37 -2.33
N GLN A 524 -19.78 -4.36 -3.65
CA GLN A 524 -18.58 -4.40 -4.46
C GLN A 524 -18.24 -3.00 -4.95
N ARG A 525 -17.07 -2.86 -5.56
CA ARG A 525 -16.66 -1.62 -6.20
C ARG A 525 -15.95 -1.94 -7.50
N PRO A 526 -16.11 -1.10 -8.52
CA PRO A 526 -15.29 -1.25 -9.73
C PRO A 526 -13.83 -1.02 -9.39
N THR A 527 -12.96 -1.78 -10.03
CA THR A 527 -11.53 -1.72 -9.78
C THR A 527 -10.79 -1.44 -11.08
N LEU A 528 -9.54 -1.02 -10.93
CA LEU A 528 -8.71 -0.60 -12.06
C LEU A 528 -7.74 -1.70 -12.46
N ALA A 529 -7.48 -1.80 -13.76
CA ALA A 529 -6.59 -2.84 -14.28
C ALA A 529 -5.18 -2.65 -13.76
N VAL A 530 -4.50 -3.78 -13.53
CA VAL A 530 -3.13 -3.78 -13.03
C VAL A 530 -2.27 -4.59 -13.97
N PRO A 531 -0.96 -4.33 -14.07
CA PRO A 531 -0.15 -5.02 -15.09
C PRO A 531 0.38 -6.37 -14.64
N TYR A 532 0.02 -6.79 -13.42
CA TYR A 532 0.55 -8.00 -12.82
C TYR A 532 -0.24 -9.21 -13.30
N GLN A 533 0.42 -10.10 -14.04
CA GLN A 533 -0.09 -11.45 -14.26
C GLN A 533 1.05 -12.42 -13.96
N LEU A 534 0.75 -13.44 -13.17
CA LEU A 534 1.80 -14.24 -12.54
C LEU A 534 1.59 -15.73 -12.79
N HIS A 535 2.70 -16.47 -12.74
CA HIS A 535 2.71 -17.92 -12.77
C HIS A 535 3.62 -18.41 -11.67
N ALA A 536 3.21 -19.48 -11.00
CA ALA A 536 4.03 -20.09 -9.95
C ALA A 536 3.84 -21.60 -10.04
N THR A 537 4.83 -22.29 -10.59
CA THR A 537 4.76 -23.73 -10.76
C THR A 537 5.78 -24.41 -9.85
N LEU A 538 5.40 -25.56 -9.31
CA LEU A 538 6.25 -26.34 -8.42
C LEU A 538 6.63 -27.64 -9.09
N ALA A 539 7.88 -28.06 -8.93
CA ALA A 539 8.38 -29.29 -9.49
C ALA A 539 9.19 -30.03 -8.44
N LEU A 540 9.11 -31.35 -8.45
CA LEU A 540 9.84 -32.18 -7.50
C LEU A 540 10.95 -32.91 -8.25
N ASP A 541 12.19 -32.71 -7.81
CA ASP A 541 13.31 -33.40 -8.44
C ASP A 541 13.37 -34.83 -7.92
N ILE A 542 12.95 -35.78 -8.76
CA ILE A 542 12.90 -37.16 -8.33
C ILE A 542 14.29 -37.74 -8.03
N ALA A 543 15.34 -37.11 -8.55
CA ALA A 543 16.69 -37.59 -8.28
C ALA A 543 17.25 -36.99 -7.00
N ALA A 544 17.35 -35.67 -6.95
CA ALA A 544 17.95 -34.98 -5.81
C ALA A 544 16.99 -34.81 -4.65
N GLY A 545 15.70 -35.05 -4.86
CA GLY A 545 14.73 -34.87 -3.78
C GLY A 545 14.63 -33.43 -3.30
N LYS A 546 14.57 -32.48 -4.23
CA LYS A 546 14.48 -31.07 -3.90
C LYS A 546 13.24 -30.46 -4.56
N LEU A 547 12.85 -29.29 -4.05
CA LEU A 547 11.68 -28.58 -4.53
C LEU A 547 12.12 -27.39 -5.37
N ARG A 548 11.66 -27.34 -6.61
CA ARG A 548 12.03 -26.29 -7.56
C ARG A 548 10.81 -25.45 -7.88
N LEU A 549 10.94 -24.14 -7.68
CA LEU A 549 9.85 -23.21 -7.89
C LEU A 549 10.18 -22.32 -9.09
N THR A 550 9.27 -22.32 -10.06
CA THR A 550 9.40 -21.50 -11.27
C THR A 550 8.41 -20.35 -11.13
N LEU A 551 8.94 -19.15 -10.98
CA LEU A 551 8.12 -17.95 -10.85
C LEU A 551 8.23 -17.13 -12.13
N GLY A 552 7.09 -16.68 -12.64
CA GLY A 552 7.08 -16.05 -13.95
C GLY A 552 6.09 -14.91 -14.02
N ASN A 553 6.42 -13.96 -14.89
CA ASN A 553 5.61 -12.77 -15.07
C ASN A 553 5.69 -12.38 -16.54
N ASP A 554 4.68 -11.69 -17.01
CA ASP A 554 4.65 -11.19 -18.37
C ASP A 554 4.39 -9.69 -18.40
N GLY A 555 3.51 -9.19 -17.55
CA GLY A 555 3.16 -7.79 -17.59
C GLY A 555 2.03 -7.53 -18.55
N MET A 556 1.02 -6.78 -18.12
CA MET A 556 -0.17 -6.53 -18.92
C MET A 556 -0.10 -5.15 -19.55
N SER A 557 -0.37 -5.07 -20.84
CA SER A 557 -0.44 -3.79 -21.52
C SER A 557 -1.57 -2.96 -20.94
N LEU A 558 -1.33 -1.66 -20.79
CA LEU A 558 -2.28 -0.75 -20.17
C LEU A 558 -2.49 0.47 -21.05
N PRO A 559 -3.65 1.09 -20.98
CA PRO A 559 -3.79 2.42 -21.60
C PRO A 559 -2.86 3.46 -21.00
N GLY A 560 -2.59 3.38 -19.70
CA GLY A 560 -1.69 4.33 -19.07
C GLY A 560 -0.24 3.92 -19.15
N ASN A 561 0.02 2.63 -19.39
CA ASN A 561 1.37 2.09 -19.51
C ASN A 561 1.57 1.64 -20.95
N PRO A 562 2.38 2.36 -21.73
CA PRO A 562 2.34 2.18 -23.20
C PRO A 562 2.62 0.77 -23.68
N GLN A 563 3.47 0.03 -22.99
CA GLN A 563 3.76 -1.33 -23.40
C GLN A 563 3.48 -2.36 -22.31
N GLY A 564 3.75 -2.02 -21.06
CA GLY A 564 3.42 -2.93 -19.98
C GLY A 564 4.57 -3.37 -19.10
N HIS A 565 5.60 -2.53 -18.97
CA HIS A 565 6.66 -2.81 -18.01
C HIS A 565 6.05 -2.93 -16.61
N SER A 566 6.51 -3.93 -15.85
CA SER A 566 5.98 -4.13 -14.52
C SER A 566 6.96 -4.97 -13.71
N ALA A 567 6.88 -4.84 -12.39
CA ALA A 567 7.70 -5.61 -11.48
C ALA A 567 6.81 -6.20 -10.39
N ALA A 568 6.91 -7.51 -10.20
CA ALA A 568 6.11 -8.24 -9.25
C ALA A 568 6.98 -8.78 -8.12
N VAL A 569 6.41 -8.85 -6.93
CA VAL A 569 7.08 -9.37 -5.75
C VAL A 569 6.27 -10.54 -5.21
N PHE A 570 6.95 -11.65 -4.96
CA PHE A 570 6.32 -12.87 -4.44
C PHE A 570 6.78 -13.08 -3.00
N GLN A 571 5.83 -13.41 -2.13
CA GLN A 571 6.11 -13.82 -0.76
C GLN A 571 5.77 -15.30 -0.62
N VAL A 572 6.74 -16.09 -0.17
CA VAL A 572 6.56 -17.51 0.05
C VAL A 572 6.58 -17.74 1.55
N GLN A 573 5.46 -18.25 2.08
CA GLN A 573 5.23 -18.41 3.51
C GLN A 573 5.31 -19.88 3.87
N PRO A 574 6.22 -20.29 4.75
CA PRO A 574 6.25 -21.67 5.23
C PRO A 574 5.21 -21.88 6.31
N ARG A 575 4.22 -22.73 6.04
CA ARG A 575 3.17 -22.97 7.03
C ARG A 575 3.71 -23.73 8.23
N GLU A 576 4.65 -24.66 8.01
CA GLU A 576 5.11 -25.54 9.07
C GLU A 576 6.52 -25.23 9.53
N VAL A 577 7.51 -25.22 8.63
CA VAL A 577 8.89 -24.98 9.01
C VAL A 577 9.59 -24.21 7.90
N GLY A 578 10.51 -23.35 8.29
CA GLY A 578 11.25 -22.48 7.39
C GLY A 578 11.07 -21.03 7.76
N ASN A 579 11.53 -20.17 6.85
CA ASN A 579 11.37 -18.73 6.99
C ASN A 579 10.80 -18.16 5.70
N PRO A 580 10.05 -17.06 5.79
CA PRO A 580 9.47 -16.47 4.58
C PRO A 580 10.57 -16.07 3.59
N ARG A 581 10.29 -16.29 2.31
CA ARG A 581 11.27 -15.99 1.27
C ARG A 581 10.64 -15.09 0.22
N PHE A 582 11.33 -14.02 -0.13
CA PHE A 582 10.81 -13.00 -1.03
C PHE A 582 11.52 -13.06 -2.36
N TYR A 583 10.77 -12.81 -3.43
CA TYR A 583 11.32 -12.78 -4.78
C TYR A 583 10.85 -11.53 -5.49
N THR A 584 11.69 -11.00 -6.37
CA THR A 584 11.33 -9.89 -7.23
C THR A 584 11.60 -10.29 -8.67
N VAL A 585 10.56 -10.31 -9.48
CA VAL A 585 10.68 -10.58 -10.91
C VAL A 585 10.17 -9.35 -11.66
N THR A 586 10.64 -9.18 -12.88
CA THR A 586 10.23 -8.04 -13.70
C THR A 586 9.82 -8.51 -15.08
N SER A 587 8.98 -7.71 -15.72
CA SER A 587 8.46 -8.06 -17.04
C SER A 587 9.41 -7.69 -18.17
N TYR A 588 10.56 -7.11 -17.85
CA TYR A 588 11.54 -6.72 -18.85
C TYR A 588 12.90 -7.28 -18.48
N PRO A 589 13.73 -7.58 -19.47
CA PRO A 589 15.10 -8.02 -19.16
C PRO A 589 15.87 -6.97 -18.39
N VAL A 590 16.71 -7.42 -17.47
CA VAL A 590 17.60 -6.56 -16.70
C VAL A 590 19.02 -7.03 -16.94
N VAL A 591 19.87 -6.12 -17.38
CA VAL A 591 21.27 -6.45 -17.67
C VAL A 591 22.03 -6.40 -16.35
N GLN A 592 22.44 -7.56 -15.87
CA GLN A 592 23.17 -7.60 -14.61
C GLN A 592 24.59 -7.08 -14.82
N GLU A 593 25.24 -6.74 -13.70
CA GLU A 593 26.58 -6.16 -13.75
C GLU A 593 27.59 -7.12 -14.36
N SER A 594 27.31 -8.42 -14.37
CA SER A 594 28.22 -9.42 -14.91
C SER A 594 28.02 -9.66 -16.40
N GLY A 595 27.14 -8.90 -17.05
CA GLY A 595 26.84 -9.12 -18.44
C GLY A 595 25.70 -10.05 -18.71
N GLU A 596 25.09 -10.64 -17.67
CA GLU A 596 23.97 -11.54 -17.85
C GLU A 596 22.74 -10.76 -18.33
N GLU A 597 21.67 -11.50 -18.59
CA GLU A 597 20.36 -10.92 -18.90
C GLU A 597 19.32 -11.62 -18.04
N LEU A 598 19.03 -11.04 -16.88
CA LEU A 598 18.02 -11.59 -15.99
C LEU A 598 16.64 -11.05 -16.35
N GLY A 599 15.61 -11.66 -15.79
CA GLY A 599 14.26 -11.16 -15.94
C GLY A 599 13.37 -12.13 -16.70
N ARG A 600 12.06 -11.93 -16.50
CA ARG A 600 10.96 -12.63 -17.19
C ARG A 600 10.76 -14.05 -16.71
N THR A 601 11.65 -14.57 -15.86
CA THR A 601 11.53 -15.91 -15.33
C THR A 601 12.57 -16.10 -14.25
N LEU A 602 12.19 -16.69 -13.12
CA LEU A 602 13.12 -17.02 -12.06
C LEU A 602 12.92 -18.46 -11.62
N ASN A 603 14.02 -19.15 -11.33
CA ASN A 603 14.00 -20.50 -10.80
C ASN A 603 14.70 -20.49 -9.45
N ASP A 604 14.04 -21.04 -8.43
CA ASP A 604 14.62 -21.12 -7.11
C ASP A 604 14.43 -22.52 -6.54
N GLU A 605 15.20 -22.84 -5.51
CA GLU A 605 15.15 -24.14 -4.87
C GLU A 605 14.81 -23.97 -3.39
N LEU A 606 13.71 -24.60 -2.98
CA LEU A 606 13.24 -24.50 -1.60
C LEU A 606 13.73 -25.71 -0.80
N ASP A 607 15.04 -25.72 -0.54
CA ASP A 607 15.64 -26.84 0.17
C ASP A 607 15.31 -26.81 1.65
N ASP A 608 15.38 -25.64 2.27
CA ASP A 608 15.26 -25.57 3.73
C ASP A 608 13.82 -25.74 4.22
N LEU A 609 12.84 -25.65 3.34
CA LEU A 609 11.45 -25.82 3.77
C LEU A 609 11.13 -27.26 4.12
N LEU A 610 11.83 -28.23 3.53
CA LEU A 610 11.49 -29.63 3.73
C LEU A 610 11.72 -30.05 5.17
N ASP A 611 10.91 -31.00 5.62
CA ASP A 611 11.09 -31.57 6.95
C ASP A 611 12.01 -32.78 6.84
N ALA A 612 12.18 -33.51 7.95
CA ALA A 612 13.00 -34.71 7.93
C ALA A 612 12.38 -35.84 7.14
N ASN A 613 11.05 -35.84 6.95
CA ASN A 613 10.37 -36.94 6.27
C ASN A 613 9.76 -36.51 4.95
N GLY A 614 10.20 -35.40 4.38
CA GLY A 614 9.72 -34.95 3.10
C GLY A 614 8.46 -34.13 3.11
N ARG A 615 7.88 -33.89 4.29
CA ARG A 615 6.65 -33.10 4.37
C ARG A 615 6.91 -31.67 3.93
N TYR A 616 6.09 -31.18 3.00
CA TYR A 616 6.14 -29.79 2.58
C TYR A 616 4.72 -29.22 2.59
N ALA A 617 4.59 -28.00 3.09
CA ALA A 617 3.31 -27.30 3.14
C ALA A 617 3.59 -25.81 3.24
N PHE A 618 3.24 -25.07 2.20
CA PHE A 618 3.55 -23.65 2.17
C PHE A 618 2.52 -22.92 1.32
N GLU A 619 2.57 -21.59 1.38
CA GLU A 619 1.69 -20.73 0.62
C GLU A 619 2.52 -19.75 -0.20
N VAL A 620 1.99 -19.36 -1.35
CA VAL A 620 2.61 -18.37 -2.22
C VAL A 620 1.61 -17.25 -2.39
N HIS A 621 1.98 -16.05 -1.95
CA HIS A 621 1.16 -14.86 -2.02
C HIS A 621 1.63 -13.98 -3.17
N GLY A 622 1.10 -12.76 -3.23
CA GLY A 622 1.53 -11.80 -4.21
C GLY A 622 0.67 -10.55 -4.24
N PRO A 623 0.71 -9.85 -5.36
CA PRO A 623 -0.19 -8.69 -5.54
C PRO A 623 -1.53 -9.12 -6.10
N ASN A 624 -2.57 -8.41 -5.69
CA ASN A 624 -3.93 -8.60 -6.19
C ASN A 624 -4.43 -10.02 -5.93
N GLY A 625 -4.31 -10.46 -4.68
CA GLY A 625 -4.90 -11.71 -4.25
C GLY A 625 -4.45 -12.94 -5.03
N PHE A 626 -3.15 -13.06 -5.25
CA PHE A 626 -2.58 -14.21 -5.94
C PHE A 626 -2.22 -15.25 -4.89
N PHE A 627 -2.93 -16.37 -4.88
CA PHE A 627 -2.75 -17.38 -3.85
C PHE A 627 -2.47 -18.74 -4.46
N ARG A 628 -1.42 -19.40 -4.01
CA ARG A 628 -1.12 -20.77 -4.43
C ARG A 628 -0.66 -21.55 -3.21
N GLU A 629 -1.50 -22.47 -2.74
CA GLU A 629 -1.19 -23.27 -1.55
C GLU A 629 -0.75 -24.67 -1.96
N PHE A 630 0.45 -25.06 -1.52
CA PHE A 630 1.07 -26.31 -1.91
C PHE A 630 1.27 -27.20 -0.70
N HIS A 631 0.85 -28.46 -0.81
CA HIS A 631 0.94 -29.41 0.28
C HIS A 631 1.38 -30.76 -0.28
N GLY A 632 1.98 -31.57 0.59
CA GLY A 632 2.32 -32.93 0.23
C GLY A 632 3.52 -33.42 1.00
N ASN A 633 4.08 -34.52 0.52
CA ASN A 633 5.33 -35.07 1.05
C ASN A 633 6.16 -35.57 -0.14
N LEU A 634 7.44 -35.81 0.12
CA LEU A 634 8.40 -36.08 -0.95
C LEU A 634 8.88 -37.52 -0.97
N HIS A 635 9.40 -38.05 0.14
CA HIS A 635 10.13 -39.32 0.09
C HIS A 635 9.23 -40.47 -0.35
N LEU A 636 8.05 -40.61 0.24
CA LEU A 636 7.18 -41.69 -0.19
C LEU A 636 6.56 -41.40 -1.54
N ALA A 637 6.52 -40.13 -1.95
CA ALA A 637 5.91 -39.77 -3.23
C ALA A 637 6.72 -40.23 -4.43
N ALA A 638 7.94 -40.73 -4.22
CA ALA A 638 8.83 -41.03 -5.34
C ALA A 638 8.29 -42.17 -6.20
N GLN A 639 7.74 -43.21 -5.57
CA GLN A 639 7.53 -44.46 -6.29
C GLN A 639 6.08 -44.71 -6.71
N MET A 640 5.22 -43.70 -6.65
CA MET A 640 3.95 -43.73 -7.38
C MET A 640 3.78 -42.41 -8.11
N ALA A 641 2.60 -42.21 -8.68
CA ALA A 641 2.37 -41.08 -9.57
C ALA A 641 2.13 -39.80 -8.78
N ARG A 642 2.27 -38.68 -9.48
CA ARG A 642 2.04 -37.35 -8.91
C ARG A 642 1.52 -36.43 -9.99
N PRO A 643 0.49 -35.64 -9.71
CA PRO A 643 -0.01 -34.68 -10.70
C PRO A 643 0.58 -33.30 -10.52
N GLU A 644 0.52 -32.47 -11.55
CA GLU A 644 0.98 -31.09 -11.46
C GLU A 644 -0.01 -30.18 -12.16
N VAL A 645 -0.19 -28.98 -11.62
CA VAL A 645 -1.25 -28.07 -12.03
C VAL A 645 -0.63 -26.84 -12.68
N SER A 646 -1.07 -26.53 -13.90
CA SER A 646 -0.59 -25.36 -14.61
C SER A 646 -1.78 -24.54 -15.11
N VAL A 647 -1.54 -23.25 -15.29
CA VAL A 647 -2.59 -22.28 -15.58
C VAL A 647 -2.29 -21.59 -16.90
N THR A 648 -3.36 -21.10 -17.53
CA THR A 648 -3.22 -20.30 -18.75
C THR A 648 -4.36 -19.30 -18.79
N TYR A 649 -4.02 -18.02 -18.91
CA TYR A 649 -5.02 -16.95 -18.89
C TYR A 649 -5.56 -16.75 -20.30
N GLN A 650 -6.82 -17.11 -20.51
CA GLN A 650 -7.44 -16.95 -21.80
C GLN A 650 -7.67 -15.48 -22.10
N ARG A 651 -7.82 -15.17 -23.39
CA ARG A 651 -7.93 -13.78 -23.80
C ARG A 651 -9.19 -13.13 -23.27
N ASN A 652 -10.31 -13.86 -23.26
CA ASN A 652 -11.61 -13.29 -22.92
C ASN A 652 -11.94 -13.39 -21.44
N GLY A 653 -10.93 -13.43 -20.57
CA GLY A 653 -11.17 -13.42 -19.15
C GLY A 653 -11.45 -14.77 -18.52
N ASN A 654 -11.54 -15.83 -19.31
CA ASN A 654 -11.74 -17.17 -18.77
C ASN A 654 -10.39 -17.79 -18.41
N LEU A 655 -10.44 -18.98 -17.83
CA LEU A 655 -9.24 -19.64 -17.33
C LEU A 655 -9.05 -20.99 -18.02
N GLN A 656 -7.80 -21.45 -18.08
CA GLN A 656 -7.50 -22.78 -18.59
C GLN A 656 -6.60 -23.50 -17.61
N LEU A 657 -7.02 -24.69 -17.19
CA LEU A 657 -6.28 -25.48 -16.22
C LEU A 657 -5.79 -26.76 -16.88
N ASN A 658 -4.48 -27.01 -16.80
CA ASN A 658 -3.87 -28.20 -17.35
C ASN A 658 -3.33 -29.04 -16.21
N ILE A 659 -3.56 -30.35 -16.28
CA ILE A 659 -3.04 -31.29 -15.29
C ILE A 659 -2.09 -32.23 -15.99
N ARG A 660 -0.88 -32.34 -15.45
CA ARG A 660 0.26 -33.04 -16.04
C ARG A 660 0.66 -34.18 -15.12
N ASN A 661 0.75 -35.39 -15.66
CA ASN A 661 1.14 -36.54 -14.84
C ASN A 661 2.36 -37.20 -15.45
N LEU A 662 3.42 -37.32 -14.64
CA LEU A 662 4.64 -38.01 -15.03
C LEU A 662 4.87 -39.28 -14.23
N GLY A 663 3.87 -39.78 -13.52
CA GLY A 663 4.05 -40.89 -12.61
C GLY A 663 4.01 -42.26 -13.24
N ARG A 664 3.73 -43.29 -12.43
CA ARG A 664 3.81 -44.67 -12.88
C ARG A 664 2.48 -45.42 -12.81
N LEU A 665 1.47 -44.88 -12.11
CA LEU A 665 0.18 -45.54 -12.06
C LEU A 665 -0.92 -44.50 -12.22
N PRO A 666 -2.08 -44.89 -12.75
CA PRO A 666 -3.16 -43.92 -12.92
C PRO A 666 -3.73 -43.47 -11.59
N CYS A 667 -4.32 -42.28 -11.61
CA CYS A 667 -4.95 -41.69 -10.43
C CYS A 667 -6.13 -40.86 -10.87
N SER A 668 -7.07 -40.66 -9.96
CA SER A 668 -8.23 -39.81 -10.22
C SER A 668 -8.02 -38.45 -9.58
N VAL A 669 -8.24 -37.40 -10.36
CA VAL A 669 -8.05 -36.02 -9.91
C VAL A 669 -9.37 -35.28 -10.04
N THR A 670 -9.80 -34.65 -8.95
CA THR A 670 -11.06 -33.93 -8.88
C THR A 670 -10.80 -32.46 -8.57
N VAL A 671 -11.47 -31.59 -9.31
CA VAL A 671 -11.41 -30.15 -9.12
C VAL A 671 -12.74 -29.70 -8.55
N THR A 672 -12.70 -29.07 -7.38
CA THR A 672 -13.88 -28.61 -6.67
C THR A 672 -13.74 -27.11 -6.38
N PRO A 673 -14.38 -26.25 -7.16
CA PRO A 673 -14.29 -24.82 -6.88
C PRO A 673 -14.97 -24.44 -5.58
N ASN A 674 -14.54 -23.31 -5.03
CA ASN A 674 -15.15 -22.79 -3.82
C ASN A 674 -16.64 -22.53 -4.08
N PRO A 675 -17.53 -22.91 -3.15
CA PRO A 675 -18.96 -22.81 -3.44
C PRO A 675 -19.45 -21.40 -3.70
N ALA A 676 -18.71 -20.39 -3.24
CA ALA A 676 -19.20 -19.01 -3.35
C ALA A 676 -19.23 -18.55 -4.80
N TYR A 677 -18.13 -18.74 -5.53
CA TYR A 677 -18.01 -18.15 -6.86
C TYR A 677 -19.02 -18.72 -7.84
N THR A 678 -19.24 -20.03 -7.80
CA THR A 678 -20.05 -20.68 -8.82
C THR A 678 -20.70 -21.93 -8.24
N GLN A 679 -21.72 -22.43 -8.93
CA GLN A 679 -22.56 -23.50 -8.42
C GLN A 679 -22.43 -24.79 -9.21
N GLU A 680 -21.74 -24.80 -10.34
CA GLU A 680 -21.57 -26.05 -11.07
C GLU A 680 -20.71 -27.02 -10.26
N GLY A 681 -20.90 -28.30 -10.50
CA GLY A 681 -20.27 -29.30 -9.67
C GLY A 681 -18.78 -29.44 -9.93
N SER A 682 -18.16 -30.27 -9.08
CA SER A 682 -16.78 -30.65 -9.28
C SER A 682 -16.63 -31.49 -10.53
N ARG A 683 -15.43 -31.49 -11.11
CA ARG A 683 -15.15 -32.32 -12.27
C ARG A 683 -14.01 -33.27 -11.93
N ARG A 684 -14.18 -34.54 -12.26
CA ARG A 684 -13.18 -35.56 -11.96
C ARG A 684 -12.71 -36.22 -13.25
N TYR A 685 -11.41 -36.49 -13.31
CA TYR A 685 -10.80 -37.14 -14.47
C TYR A 685 -9.88 -38.26 -13.99
N GLU A 686 -9.96 -39.40 -14.67
CA GLU A 686 -9.09 -40.53 -14.39
C GLU A 686 -7.88 -40.40 -15.30
N LEU A 687 -6.81 -39.82 -14.78
CA LEU A 687 -5.62 -39.53 -15.56
C LEU A 687 -4.61 -40.67 -15.40
N GLU A 688 -4.00 -41.08 -16.50
CA GLU A 688 -3.04 -42.17 -16.52
C GLU A 688 -1.63 -41.63 -16.34
N PRO A 689 -0.65 -42.51 -16.19
CA PRO A 689 0.75 -42.10 -16.37
C PRO A 689 0.95 -41.41 -17.71
N ASN A 690 2.03 -40.63 -17.82
CA ASN A 690 2.40 -39.82 -18.98
C ASN A 690 1.18 -39.27 -19.73
N GLN A 691 0.23 -38.69 -18.97
CA GLN A 691 -1.00 -38.15 -19.54
C GLN A 691 -1.21 -36.71 -19.07
N ALA A 692 -1.96 -35.97 -19.89
CA ALA A 692 -2.30 -34.59 -19.60
C ALA A 692 -3.66 -34.25 -20.19
N ILE A 693 -4.43 -33.44 -19.48
CA ILE A 693 -5.70 -32.93 -19.97
C ILE A 693 -5.84 -31.46 -19.63
N SER A 694 -6.66 -30.76 -20.40
CA SER A 694 -6.86 -29.32 -20.29
C SER A 694 -8.34 -29.03 -20.19
N GLU A 695 -8.70 -28.08 -19.33
CA GLU A 695 -10.09 -27.73 -19.10
C GLU A 695 -10.26 -26.22 -19.14
N VAL A 696 -11.33 -25.77 -19.81
CA VAL A 696 -11.66 -24.35 -19.95
C VAL A 696 -12.72 -24.02 -18.93
N TRP A 697 -12.44 -23.07 -18.05
CA TRP A 697 -13.34 -22.65 -17.00
C TRP A 697 -13.87 -21.25 -17.31
N LEU A 698 -15.19 -21.14 -17.42
CA LEU A 698 -15.85 -19.86 -17.58
C LEU A 698 -15.84 -19.10 -16.26
N LEU A 699 -15.62 -17.79 -16.34
CA LEU A 699 -15.53 -17.00 -15.12
C LEU A 699 -16.19 -15.63 -15.21
N ARG A 700 -17.02 -15.36 -16.22
CA ARG A 700 -17.63 -14.04 -16.27
C ARG A 700 -18.63 -13.81 -15.16
N SER A 701 -19.35 -14.85 -14.73
CA SER A 701 -20.37 -14.66 -13.70
C SER A 701 -19.77 -14.53 -12.31
N SER A 702 -18.51 -14.92 -12.13
CA SER A 702 -17.81 -14.74 -10.87
C SER A 702 -16.99 -13.47 -10.83
N GLN A 703 -17.20 -12.58 -11.80
CA GLN A 703 -16.45 -11.33 -11.95
C GLN A 703 -14.98 -11.60 -12.26
N GLY A 704 -14.69 -12.72 -12.93
CA GLY A 704 -13.33 -13.04 -13.31
C GLY A 704 -12.40 -13.36 -12.17
N TRP A 705 -12.88 -14.02 -11.13
CA TRP A 705 -12.05 -14.50 -10.04
C TRP A 705 -12.16 -16.02 -9.94
N TYR A 706 -11.07 -16.67 -9.54
CA TYR A 706 -11.07 -18.12 -9.42
C TYR A 706 -10.46 -18.54 -8.09
N ASP A 707 -11.01 -19.61 -7.53
CA ASP A 707 -10.41 -20.29 -6.38
C ASP A 707 -10.75 -21.77 -6.53
N LEU A 708 -9.76 -22.55 -6.97
CA LEU A 708 -9.92 -23.97 -7.21
C LEU A 708 -9.14 -24.77 -6.18
N SER A 709 -9.70 -25.91 -5.79
CA SER A 709 -9.00 -26.90 -4.99
C SER A 709 -8.90 -28.17 -5.81
N VAL A 710 -7.67 -28.61 -6.04
CA VAL A 710 -7.39 -29.83 -6.79
C VAL A 710 -6.98 -30.90 -5.81
N THR A 711 -7.70 -32.01 -5.82
CA THR A 711 -7.41 -33.16 -4.98
C THR A 711 -7.28 -34.39 -5.87
N ALA A 712 -6.68 -35.45 -5.31
CA ALA A 712 -6.46 -36.66 -6.06
C ALA A 712 -6.65 -37.87 -5.15
N SER A 713 -6.95 -39.00 -5.76
CA SER A 713 -7.02 -40.28 -5.07
C SER A 713 -5.91 -41.18 -5.58
N ASN A 714 -5.71 -42.30 -4.89
CA ASN A 714 -4.63 -43.23 -5.19
C ASN A 714 -3.27 -42.54 -5.10
N THR A 715 -3.20 -41.50 -4.26
CA THR A 715 -2.03 -40.64 -4.16
C THR A 715 -1.62 -40.50 -2.69
N GLU A 716 -0.70 -39.57 -2.45
CA GLU A 716 -0.16 -39.38 -1.12
C GLU A 716 -1.21 -38.73 -0.23
N ALA A 717 -1.14 -39.06 1.06
CA ALA A 717 -1.93 -38.33 2.04
C ALA A 717 -1.42 -36.90 2.16
N ASN A 718 -2.31 -36.02 2.62
CA ASN A 718 -1.97 -34.62 2.87
C ASN A 718 -1.75 -33.87 1.57
N TYR A 719 -1.87 -34.56 0.44
CA TYR A 719 -1.69 -33.94 -0.87
C TYR A 719 -2.92 -33.11 -1.22
N LEU A 720 -2.71 -31.81 -1.47
CA LEU A 720 -3.79 -30.89 -1.80
C LEU A 720 -3.20 -29.68 -2.49
N ARG A 721 -3.80 -29.27 -3.61
CA ARG A 721 -3.33 -28.10 -4.34
C ARG A 721 -4.43 -27.04 -4.31
N ARG A 722 -4.05 -25.78 -4.08
CA ARG A 722 -5.01 -24.69 -4.06
C ARG A 722 -4.53 -23.56 -4.96
N LEU A 723 -5.40 -23.13 -5.87
CA LEU A 723 -5.13 -22.04 -6.79
C LEU A 723 -6.16 -20.94 -6.57
N ALA A 724 -5.74 -19.68 -6.66
CA ALA A 724 -6.68 -18.60 -6.44
C ALA A 724 -6.11 -17.31 -7.00
N GLY A 725 -6.98 -16.47 -7.56
CA GLY A 725 -6.56 -15.17 -8.01
C GLY A 725 -7.62 -14.51 -8.88
N HIS A 726 -7.18 -13.44 -9.55
CA HIS A 726 -8.00 -12.65 -10.44
C HIS A 726 -7.35 -12.64 -11.82
N VAL A 727 -8.13 -12.91 -12.85
CA VAL A 727 -7.65 -12.81 -14.22
C VAL A 727 -7.54 -11.34 -14.59
N GLU A 728 -6.36 -10.92 -15.03
CA GLU A 728 -6.14 -9.56 -15.50
C GLU A 728 -6.28 -9.55 -17.01
N THR A 729 -7.07 -8.62 -17.52
CA THR A 729 -7.28 -8.50 -18.95
C THR A 729 -7.01 -7.10 -19.50
N GLY A 730 -6.62 -6.17 -18.65
CA GLY A 730 -6.37 -4.82 -19.12
C GLY A 730 -7.57 -3.90 -19.14
N LYS A 731 -8.70 -4.33 -18.59
CA LYS A 731 -9.88 -3.50 -18.50
C LYS A 731 -10.36 -3.46 -17.06
N PRO A 732 -10.97 -2.35 -16.63
CA PRO A 732 -11.48 -2.27 -15.25
C PRO A 732 -12.54 -3.31 -15.00
N SER A 733 -12.55 -3.84 -13.76
CA SER A 733 -13.52 -4.84 -13.37
C SER A 733 -13.96 -4.55 -11.94
N ARG A 734 -14.64 -5.50 -11.33
CA ARG A 734 -15.21 -5.31 -10.01
C ARG A 734 -14.25 -5.86 -8.95
N SER A 735 -14.63 -5.73 -7.68
CA SER A 735 -13.78 -6.19 -6.60
C SER A 735 -14.05 -7.67 -6.32
N ASP A 736 -13.49 -8.18 -5.25
CA ASP A 736 -13.60 -9.61 -4.93
C ASP A 736 -14.95 -9.90 -4.30
N PRO A 737 -15.72 -10.86 -4.83
CA PRO A 737 -17.00 -11.20 -4.20
C PRO A 737 -16.85 -11.81 -2.82
N LEU A 738 -15.68 -12.33 -2.46
CA LEU A 738 -15.51 -13.06 -1.21
C LEU A 738 -15.30 -12.15 -0.01
N LEU A 739 -15.10 -10.85 -0.21
CA LEU A 739 -14.79 -9.96 0.91
C LEU A 739 -15.98 -9.84 1.87
N ASP A 740 -17.20 -9.77 1.33
CA ASP A 740 -18.36 -9.59 2.21
C ASP A 740 -18.80 -10.89 2.88
N ILE A 741 -18.22 -12.02 2.51
CA ILE A 741 -18.44 -13.25 3.28
C ILE A 741 -17.63 -13.16 4.57
N ALA A 742 -18.30 -13.39 5.71
CA ALA A 742 -17.69 -13.18 7.01
C ALA A 742 -16.41 -13.99 7.14
N ALA A 743 -15.34 -13.34 7.62
CA ALA A 743 -14.04 -14.00 7.68
C ALA A 743 -14.05 -15.17 8.65
N THR A 744 -14.69 -15.00 9.80
CA THR A 744 -14.77 -16.09 10.78
C THR A 744 -15.92 -15.86 11.75
CA CA B . 4.60 11.25 10.21
#